data_1P20
# 
_entry.id   1P20 
# 
_audit_conform.dict_name       mmcif_pdbx.dic 
_audit_conform.dict_version    5.389 
_audit_conform.dict_location   http://mmcif.pdb.org/dictionaries/ascii/mmcif_pdbx.dic 
# 
loop_
_database_2.database_id 
_database_2.database_code 
_database_2.pdbx_database_accession 
_database_2.pdbx_DOI 
PDB   1P20         pdb_00001p20 10.2210/pdb1p20/pdb 
NDB   DD0056       ?            ?                   
RCSB  RCSB018914   ?            ?                   
WWPDB D_1000018914 ?            ?                   
# 
loop_
_pdbx_audit_revision_history.ordinal 
_pdbx_audit_revision_history.data_content_type 
_pdbx_audit_revision_history.major_revision 
_pdbx_audit_revision_history.minor_revision 
_pdbx_audit_revision_history.revision_date 
1 'Structure model' 1 0 2003-05-13 
2 'Structure model' 1 1 2008-04-29 
3 'Structure model' 1 2 2011-07-13 
4 'Structure model' 1 3 2017-10-11 
5 'Structure model' 1 4 2024-02-14 
6 'Structure model' 1 5 2024-04-03 
# 
_pdbx_audit_revision_details.ordinal             1 
_pdbx_audit_revision_details.revision_ordinal    1 
_pdbx_audit_revision_details.data_content_type   'Structure model' 
_pdbx_audit_revision_details.provider            repository 
_pdbx_audit_revision_details.type                'Initial release' 
_pdbx_audit_revision_details.description         ? 
_pdbx_audit_revision_details.details             ? 
# 
loop_
_pdbx_audit_revision_group.ordinal 
_pdbx_audit_revision_group.revision_ordinal 
_pdbx_audit_revision_group.data_content_type 
_pdbx_audit_revision_group.group 
1 2 'Structure model' 'Version format compliance' 
2 3 'Structure model' 'Version format compliance' 
3 4 'Structure model' 'Refinement description'    
4 5 'Structure model' 'Data collection'           
5 5 'Structure model' 'Database references'       
6 5 'Structure model' 'Derived calculations'      
7 6 'Structure model' 'Refinement description'    
# 
loop_
_pdbx_audit_revision_category.ordinal 
_pdbx_audit_revision_category.revision_ordinal 
_pdbx_audit_revision_category.data_content_type 
_pdbx_audit_revision_category.category 
1 4 'Structure model' software                      
2 5 'Structure model' chem_comp_atom                
3 5 'Structure model' chem_comp_bond                
4 5 'Structure model' database_2                    
5 5 'Structure model' pdbx_struct_conn_angle        
6 5 'Structure model' struct_conn                   
7 5 'Structure model' struct_site                   
8 6 'Structure model' pdbx_initial_refinement_model 
# 
loop_
_pdbx_audit_revision_item.ordinal 
_pdbx_audit_revision_item.revision_ordinal 
_pdbx_audit_revision_item.data_content_type 
_pdbx_audit_revision_item.item 
1  5 'Structure model' '_database_2.pdbx_DOI'                        
2  5 'Structure model' '_database_2.pdbx_database_accession'         
3  5 'Structure model' '_pdbx_struct_conn_angle.ptnr1_auth_comp_id'  
4  5 'Structure model' '_pdbx_struct_conn_angle.ptnr1_auth_seq_id'   
5  5 'Structure model' '_pdbx_struct_conn_angle.ptnr1_label_asym_id' 
6  5 'Structure model' '_pdbx_struct_conn_angle.ptnr1_label_atom_id' 
7  5 'Structure model' '_pdbx_struct_conn_angle.ptnr1_label_comp_id' 
8  5 'Structure model' '_pdbx_struct_conn_angle.ptnr1_label_seq_id'  
9  5 'Structure model' '_pdbx_struct_conn_angle.ptnr1_symmetry'      
10 5 'Structure model' '_pdbx_struct_conn_angle.ptnr2_auth_seq_id'   
11 5 'Structure model' '_pdbx_struct_conn_angle.ptnr2_label_asym_id' 
12 5 'Structure model' '_pdbx_struct_conn_angle.ptnr3_auth_comp_id'  
13 5 'Structure model' '_pdbx_struct_conn_angle.ptnr3_auth_seq_id'   
14 5 'Structure model' '_pdbx_struct_conn_angle.ptnr3_label_asym_id' 
15 5 'Structure model' '_pdbx_struct_conn_angle.ptnr3_label_atom_id' 
16 5 'Structure model' '_pdbx_struct_conn_angle.ptnr3_label_comp_id' 
17 5 'Structure model' '_pdbx_struct_conn_angle.ptnr3_label_seq_id'  
18 5 'Structure model' '_pdbx_struct_conn_angle.ptnr3_symmetry'      
19 5 'Structure model' '_pdbx_struct_conn_angle.value'               
20 5 'Structure model' '_struct_conn.pdbx_dist_value'                
21 5 'Structure model' '_struct_conn.ptnr1_auth_comp_id'             
22 5 'Structure model' '_struct_conn.ptnr1_auth_seq_id'              
23 5 'Structure model' '_struct_conn.ptnr1_label_asym_id'            
24 5 'Structure model' '_struct_conn.ptnr1_label_atom_id'            
25 5 'Structure model' '_struct_conn.ptnr1_label_comp_id'            
26 5 'Structure model' '_struct_conn.ptnr1_label_seq_id'             
27 5 'Structure model' '_struct_conn.ptnr2_auth_comp_id'             
28 5 'Structure model' '_struct_conn.ptnr2_auth_seq_id'              
29 5 'Structure model' '_struct_conn.ptnr2_label_asym_id'            
30 5 'Structure model' '_struct_conn.ptnr2_label_atom_id'            
31 5 'Structure model' '_struct_conn.ptnr2_label_comp_id'            
32 5 'Structure model' '_struct_conn.ptnr2_label_seq_id'             
33 5 'Structure model' '_struct_conn.ptnr2_symmetry'                 
34 5 'Structure model' '_struct_site.pdbx_auth_asym_id'              
35 5 'Structure model' '_struct_site.pdbx_auth_comp_id'              
36 5 'Structure model' '_struct_site.pdbx_auth_seq_id'               
# 
_pdbx_database_status.status_code                     REL 
_pdbx_database_status.entry_id                        1P20 
_pdbx_database_status.recvd_initial_deposition_date   2003-04-14 
_pdbx_database_status.deposit_site                    RCSB 
_pdbx_database_status.process_site                    RCSB 
_pdbx_database_status.SG_entry                        . 
_pdbx_database_status.pdb_format_compatible           Y 
_pdbx_database_status.status_code_mr                  ? 
_pdbx_database_status.status_code_sf                  ? 
_pdbx_database_status.status_code_cs                  ? 
_pdbx_database_status.methods_development_category    ? 
_pdbx_database_status.status_code_nmr_data            ? 
# 
loop_
_audit_author.name 
_audit_author.pdbx_ordinal 
'Howerton, S.B.' 1 
'Nagpal, A.'     2 
'Williams, L.D.' 3 
# 
_citation.id                        primary 
_citation.title                     'Surprising Roles of Electrostatic Interactions in DNA-Ligand Complexes' 
_citation.journal_abbrev            Biopolymers 
_citation.journal_volume            69 
_citation.page_first                87 
_citation.page_last                 99 
_citation.year                      2003 
_citation.journal_id_ASTM           BIPMAA 
_citation.country                   US 
_citation.journal_id_ISSN           0006-3525 
_citation.journal_id_CSD            0161 
_citation.book_publisher            ? 
_citation.pdbx_database_id_PubMed   12717724 
_citation.pdbx_database_id_DOI      10.1002/bip.10319 
# 
loop_
_citation_author.citation_id 
_citation_author.name 
_citation_author.ordinal 
_citation_author.identifier_ORCID 
primary 'Howerton, S.B.' 1 ? 
primary 'Nagpal, A.'     2 ? 
primary 'Williams, L.D.' 3 ? 
# 
loop_
_entity.id 
_entity.type 
_entity.src_method 
_entity.pdbx_description 
_entity.formula_weight 
_entity.pdbx_number_of_molecules 
_entity.pdbx_ec 
_entity.pdbx_mutation 
_entity.pdbx_fragment 
_entity.details 
1 polymer     syn "5'-D(*CP*GP*AP*TP*CP*G)-3'" 1809.217 1  ? ? ? ? 
2 non-polymer syn DOXORUBICIN                  543.519  1  ? ? ? ? 
3 non-polymer syn 'THALLIUM (I) ION'           204.383  3  ? ? ? ? 
4 water       nat water                        18.015   58 ? ? ? ? 
# 
_entity_poly.entity_id                      1 
_entity_poly.type                           polydeoxyribonucleotide 
_entity_poly.nstd_linkage                   no 
_entity_poly.nstd_monomer                   no 
_entity_poly.pdbx_seq_one_letter_code       '(DC)(DG)(DA)(DT)(DC)(DG)' 
_entity_poly.pdbx_seq_one_letter_code_can   CGATCG 
_entity_poly.pdbx_strand_id                 A 
_entity_poly.pdbx_target_identifier         ? 
# 
loop_
_pdbx_entity_nonpoly.entity_id 
_pdbx_entity_nonpoly.name 
_pdbx_entity_nonpoly.comp_id 
2 DOXORUBICIN        DM2 
3 'THALLIUM (I) ION' TL  
4 water              HOH 
# 
loop_
_entity_poly_seq.entity_id 
_entity_poly_seq.num 
_entity_poly_seq.mon_id 
_entity_poly_seq.hetero 
1 1 DC n 
1 2 DG n 
1 3 DA n 
1 4 DT n 
1 5 DC n 
1 6 DG n 
# 
loop_
_chem_comp.id 
_chem_comp.type 
_chem_comp.mon_nstd_flag 
_chem_comp.name 
_chem_comp.pdbx_synonyms 
_chem_comp.formula 
_chem_comp.formula_weight 
DA  'DNA linking' y "2'-DEOXYADENOSINE-5'-MONOPHOSPHATE" ?          'C10 H14 N5 O6 P' 331.222 
DC  'DNA linking' y "2'-DEOXYCYTIDINE-5'-MONOPHOSPHATE"  ?          'C9 H14 N3 O7 P'  307.197 
DG  'DNA linking' y "2'-DEOXYGUANOSINE-5'-MONOPHOSPHATE" ?          'C10 H14 N5 O7 P' 347.221 
DM2 non-polymer   . DOXORUBICIN                          ADRIAMYCIN 'C27 H29 N O11'   543.519 
DT  'DNA linking' y "THYMIDINE-5'-MONOPHOSPHATE"         ?          'C10 H15 N2 O8 P' 322.208 
HOH non-polymer   . WATER                                ?          'H2 O'            18.015  
TL  non-polymer   . 'THALLIUM (I) ION'                   ?          'Tl 1'            204.383 
# 
loop_
_pdbx_poly_seq_scheme.asym_id 
_pdbx_poly_seq_scheme.entity_id 
_pdbx_poly_seq_scheme.seq_id 
_pdbx_poly_seq_scheme.mon_id 
_pdbx_poly_seq_scheme.ndb_seq_num 
_pdbx_poly_seq_scheme.pdb_seq_num 
_pdbx_poly_seq_scheme.auth_seq_num 
_pdbx_poly_seq_scheme.pdb_mon_id 
_pdbx_poly_seq_scheme.auth_mon_id 
_pdbx_poly_seq_scheme.pdb_strand_id 
_pdbx_poly_seq_scheme.pdb_ins_code 
_pdbx_poly_seq_scheme.hetero 
A 1 1 DC 1 1 1 DC C A . n 
A 1 2 DG 2 2 2 DG G A . n 
A 1 3 DA 3 3 3 DA A A . n 
A 1 4 DT 4 4 4 DT T A . n 
A 1 5 DC 5 5 5 DC C A . n 
A 1 6 DG 6 6 6 DG G A . n 
# 
loop_
_pdbx_nonpoly_scheme.asym_id 
_pdbx_nonpoly_scheme.entity_id 
_pdbx_nonpoly_scheme.mon_id 
_pdbx_nonpoly_scheme.ndb_seq_num 
_pdbx_nonpoly_scheme.pdb_seq_num 
_pdbx_nonpoly_scheme.auth_seq_num 
_pdbx_nonpoly_scheme.pdb_mon_id 
_pdbx_nonpoly_scheme.auth_mon_id 
_pdbx_nonpoly_scheme.pdb_strand_id 
_pdbx_nonpoly_scheme.pdb_ins_code 
B 2 DM2 1  7  7  DM2 DM2 A . 
C 3 TL  1  8  1  TL  TL  A . 
D 3 TL  1  9  2  TL  TL  A . 
E 3 TL  1  10 3  TL  TL  A . 
F 4 HOH 1  11 10 HOH HOH A . 
F 4 HOH 2  12 11 HOH HOH A . 
F 4 HOH 3  13 12 HOH HOH A . 
F 4 HOH 4  14 13 HOH HOH A . 
F 4 HOH 5  15 15 HOH HOH A . 
F 4 HOH 6  16 16 HOH HOH A . 
F 4 HOH 7  17 17 HOH HOH A . 
F 4 HOH 8  18 18 HOH HOH A . 
F 4 HOH 9  19 19 HOH HOH A . 
F 4 HOH 10 20 20 HOH HOH A . 
F 4 HOH 11 21 21 HOH HOH A . 
F 4 HOH 12 22 22 HOH HOH A . 
F 4 HOH 13 23 23 HOH HOH A . 
F 4 HOH 14 24 24 HOH HOH A . 
F 4 HOH 15 25 25 HOH HOH A . 
F 4 HOH 16 26 26 HOH HOH A . 
F 4 HOH 17 27 27 HOH HOH A . 
F 4 HOH 18 28 28 HOH HOH A . 
F 4 HOH 19 29 29 HOH HOH A . 
F 4 HOH 20 30 30 HOH HOH A . 
F 4 HOH 21 31 31 HOH HOH A . 
F 4 HOH 22 32 32 HOH HOH A . 
F 4 HOH 23 33 33 HOH HOH A . 
F 4 HOH 24 34 34 HOH HOH A . 
F 4 HOH 25 35 35 HOH HOH A . 
F 4 HOH 26 36 36 HOH HOH A . 
F 4 HOH 27 37 37 HOH HOH A . 
F 4 HOH 28 38 38 HOH HOH A . 
F 4 HOH 29 39 39 HOH HOH A . 
F 4 HOH 30 40 40 HOH HOH A . 
F 4 HOH 31 41 41 HOH HOH A . 
F 4 HOH 32 42 42 HOH HOH A . 
F 4 HOH 33 43 43 HOH HOH A . 
F 4 HOH 34 44 44 HOH HOH A . 
F 4 HOH 35 45 45 HOH HOH A . 
F 4 HOH 36 46 46 HOH HOH A . 
F 4 HOH 37 47 48 HOH HOH A . 
F 4 HOH 38 48 50 HOH HOH A . 
F 4 HOH 39 49 51 HOH HOH A . 
F 4 HOH 40 50 53 HOH HOH A . 
F 4 HOH 41 51 54 HOH HOH A . 
F 4 HOH 42 52 55 HOH HOH A . 
F 4 HOH 43 53 56 HOH HOH A . 
F 4 HOH 44 54 57 HOH HOH A . 
F 4 HOH 45 55 60 HOH HOH A . 
F 4 HOH 46 56 61 HOH HOH A . 
F 4 HOH 47 57 62 HOH HOH A . 
F 4 HOH 48 58 64 HOH HOH A . 
F 4 HOH 49 59 65 HOH HOH A . 
F 4 HOH 50 60 66 HOH HOH A . 
F 4 HOH 51 61 68 HOH HOH A . 
F 4 HOH 52 62 69 HOH HOH A . 
F 4 HOH 53 63 70 HOH HOH A . 
F 4 HOH 54 64 71 HOH HOH A . 
F 4 HOH 55 65 74 HOH HOH A . 
F 4 HOH 56 66 79 HOH HOH A . 
F 4 HOH 57 67 80 HOH HOH A . 
F 4 HOH 58 68 81 HOH HOH A . 
# 
loop_
_software.name 
_software.classification 
_software.version 
_software.citation_id 
_software.pdbx_ordinal 
CNS refinement . ? 1 
CNS phasing    . ? 2 
# 
_cell.entry_id           1P20 
_cell.length_a           27.894 
_cell.length_b           27.894 
_cell.length_c           52.270 
_cell.angle_alpha        90.00 
_cell.angle_beta         90.00 
_cell.angle_gamma        90.00 
_cell.Z_PDB              8 
_cell.pdbx_unique_axis   ? 
# 
_symmetry.entry_id                         1P20 
_symmetry.space_group_name_H-M             'P 41 21 2' 
_symmetry.cell_setting                     tetragonal 
_symmetry.pdbx_full_space_group_name_H-M   ? 
_symmetry.Int_Tables_number                92 
# 
_exptl.entry_id          1P20 
_exptl.method            'X-RAY DIFFRACTION' 
_exptl.crystals_number   1 
# 
_exptl_crystal.id                    1 
_exptl_crystal.density_Matthews      2.69 
_exptl_crystal.density_percent_sol   54.29 
_exptl_crystal.density_meas          ? 
_exptl_crystal.description           ? 
# 
_exptl_crystal_grow.crystal_id      1 
_exptl_crystal_grow.method          'VAPOR DIFFUSION, HANGING DROP' 
_exptl_crystal_grow.temp            295 
_exptl_crystal_grow.pH              6.4 
_exptl_crystal_grow.pdbx_details    
'd(CGATCG), Tl acetate, Mg acetate, MPD, spermine acetate, adriamycin, pH 6.4, VAPOR DIFFUSION, HANGING DROP, temperature 295K' 
_exptl_crystal_grow.temp_details    ? 
_exptl_crystal_grow.pdbx_pH_range   . 
# 
loop_
_exptl_crystal_grow_comp.crystal_id 
_exptl_crystal_grow_comp.id 
_exptl_crystal_grow_comp.sol_id 
_exptl_crystal_grow_comp.name 
_exptl_crystal_grow_comp.conc 
_exptl_crystal_grow_comp.volume 
_exptl_crystal_grow_comp.details 
1 1 1 'Tl acetate'       ? ? ? 
1 2 1 'Mg acetate'       ? ? ? 
1 3 1 'spermine acetate' ? ? ? 
1 4 1 MPD                ? ? ? 
1 5 2 MPD                ? ? ? 
# 
_diffrn.id                     1 
_diffrn.ambient_temp           93 
_diffrn.ambient_temp_details   ? 
_diffrn.crystal_id             1 
# 
_diffrn_detector.diffrn_id              1 
_diffrn_detector.detector               'IMAGE PLATE' 
_diffrn_detector.type                   'RIGAKU RAXIS IV' 
_diffrn_detector.pdbx_collection_date   2001-08-03 
_diffrn_detector.details                'Osmic blue multilayer confocal' 
# 
_diffrn_radiation.diffrn_id                        1 
_diffrn_radiation.wavelength_id                    1 
_diffrn_radiation.pdbx_monochromatic_or_laue_m_l   M 
_diffrn_radiation.monochromator                    ? 
_diffrn_radiation.pdbx_diffrn_protocol             'SINGLE WAVELENGTH' 
_diffrn_radiation.pdbx_scattering_type             x-ray 
# 
_diffrn_radiation_wavelength.id           1 
_diffrn_radiation_wavelength.wavelength   1.5418 
_diffrn_radiation_wavelength.wt           1.0 
# 
_diffrn_source.diffrn_id                   1 
_diffrn_source.source                      'ROTATING ANODE' 
_diffrn_source.type                        'RIGAKU RUH3R' 
_diffrn_source.pdbx_synchrotron_site       ? 
_diffrn_source.pdbx_synchrotron_beamline   ? 
_diffrn_source.pdbx_wavelength             ? 
_diffrn_source.pdbx_wavelength_list        1.5418 
# 
_reflns.entry_id                     1P20 
_reflns.observed_criterion_sigma_F   ? 
_reflns.observed_criterion_sigma_I   ? 
_reflns.d_resolution_high            1.26 
_reflns.d_resolution_low             100 
_reflns.number_all                   ? 
_reflns.percent_possible_obs         ? 
_reflns.pdbx_Rmerge_I_obs            ? 
_reflns.pdbx_Rsym_value              ? 
_reflns.pdbx_netI_over_sigmaI        ? 
_reflns.B_iso_Wilson_estimate        ? 
_reflns.pdbx_redundancy              ? 
_reflns.number_obs                   ? 
_reflns.R_free_details               ? 
_reflns.pdbx_diffrn_id               1 
_reflns.pdbx_ordinal                 1 
# 
_refine.entry_id                                 1P20 
_refine.ls_d_res_high                            1.34 
_refine.ls_d_res_low                             35 
_refine.pdbx_ls_sigma_F                          2.0 
_refine.pdbx_ls_sigma_I                          ? 
_refine.ls_number_reflns_all                     5559 
_refine.ls_number_reflns_obs                     4302 
_refine.ls_number_reflns_R_free                  457 
_refine.ls_percent_reflns_obs                    85.5 
_refine.ls_R_factor_all                          0.189 
_refine.ls_R_factor_obs                          0.189 
_refine.ls_R_factor_R_work                       0.193 
_refine.ls_R_factor_R_free                       0.215 
_refine.ls_redundancy_reflns_obs                 ? 
_refine.pdbx_data_cutoff_high_absF               ? 
_refine.pdbx_data_cutoff_low_absF                ? 
_refine.ls_number_parameters                     ? 
_refine.ls_number_restraints                     ? 
_refine.ls_percent_reflns_R_free                 10.6 
_refine.ls_R_factor_R_free_error                 ? 
_refine.ls_R_factor_R_free_error_details         ? 
_refine.pdbx_method_to_determine_struct          'MOLECULAR REPLACEMENT' 
_refine.pdbx_starting_model                      'NDB Entry DDF044' 
_refine.pdbx_ls_cross_valid_method               'throughout refinement except final round' 
_refine.pdbx_R_Free_selection_details            random 
_refine.pdbx_stereochem_target_val_spec_case     ? 
_refine.pdbx_stereochemistry_target_values       'Parkinson & Berman, 1996' 
_refine.solvent_model_details                    ? 
_refine.solvent_model_param_bsol                 ? 
_refine.solvent_model_param_ksol                 ? 
_refine.occupancy_max                            ? 
_refine.occupancy_min                            ? 
_refine.pdbx_isotropic_thermal_model             isotropic 
_refine.B_iso_mean                               13.8 
_refine.aniso_B[1][1]                            ? 
_refine.aniso_B[1][2]                            ? 
_refine.aniso_B[1][3]                            ? 
_refine.aniso_B[2][2]                            ? 
_refine.aniso_B[2][3]                            ? 
_refine.aniso_B[3][3]                            ? 
_refine.details                                  ? 
_refine.correlation_coeff_Fo_to_Fc               ? 
_refine.correlation_coeff_Fo_to_Fc_free          ? 
_refine.pdbx_solvent_vdw_probe_radii             ? 
_refine.pdbx_solvent_ion_probe_radii             ? 
_refine.pdbx_solvent_shrinkage_radii             ? 
_refine.overall_SU_R_Cruickshank_DPI             ? 
_refine.overall_SU_R_free                        ? 
_refine.overall_SU_B                             ? 
_refine.overall_SU_ML                            ? 
_refine.pdbx_overall_ESU_R                       ? 
_refine.pdbx_overall_ESU_R_Free                  ? 
_refine.pdbx_data_cutoff_high_rms_absF           ? 
_refine.pdbx_refine_id                           'X-RAY DIFFRACTION' 
_refine.pdbx_diffrn_id                           1 
_refine.pdbx_TLS_residual_ADP_flag               ? 
_refine.pdbx_overall_phase_error                 ? 
_refine.pdbx_overall_SU_R_free_Cruickshank_DPI   ? 
_refine.pdbx_overall_SU_R_Blow_DPI               ? 
_refine.pdbx_overall_SU_R_free_Blow_DPI          ? 
# 
_refine_hist.pdbx_refine_id                   'X-RAY DIFFRACTION' 
_refine_hist.cycle_id                         LAST 
_refine_hist.pdbx_number_atoms_protein        0 
_refine_hist.pdbx_number_atoms_nucleic_acid   120 
_refine_hist.pdbx_number_atoms_ligand         42 
_refine_hist.number_atoms_solvent             58 
_refine_hist.number_atoms_total               220 
_refine_hist.d_res_high                       1.34 
_refine_hist.d_res_low                        35 
# 
loop_
_refine_ls_restr.type 
_refine_ls_restr.dev_ideal 
_refine_ls_restr.dev_ideal_target 
_refine_ls_restr.weight 
_refine_ls_restr.number 
_refine_ls_restr.pdbx_refine_id 
_refine_ls_restr.pdbx_restraint_function 
c_angle_deg 1.67 ? ? ? 'X-RAY DIFFRACTION' ? 
c_bond_d    0.02 ? ? ? 'X-RAY DIFFRACTION' ? 
# 
_struct.entry_id                  1P20 
_struct.title                     'Surprising Roles of Electrostatic Interactions in DNA-Ligand Complexes' 
_struct.pdbx_model_details        ? 
_struct.pdbx_CASP_flag            ? 
_struct.pdbx_model_type_details   ? 
# 
_struct_keywords.entry_id        1P20 
_struct_keywords.pdbx_keywords   DNA 
_struct_keywords.text            'adriamycin, intercalation, electrostatics, thallium, DNA' 
# 
loop_
_struct_asym.id 
_struct_asym.pdbx_blank_PDB_chainid_flag 
_struct_asym.pdbx_modified 
_struct_asym.entity_id 
_struct_asym.details 
A N N 1 ? 
B N N 2 ? 
C N N 3 ? 
D N N 3 ? 
E N N 3 ? 
F N N 4 ? 
# 
_struct_ref.id                         1 
_struct_ref.entity_id                  1 
_struct_ref.db_name                    PDB 
_struct_ref.db_code                    1P20 
_struct_ref.pdbx_db_accession          1P20 
_struct_ref.pdbx_db_isoform            ? 
_struct_ref.pdbx_seq_one_letter_code   ? 
_struct_ref.pdbx_align_begin           ? 
# 
_struct_ref_seq.align_id                      1 
_struct_ref_seq.ref_id                        1 
_struct_ref_seq.pdbx_PDB_id_code              1P20 
_struct_ref_seq.pdbx_strand_id                A 
_struct_ref_seq.seq_align_beg                 1 
_struct_ref_seq.pdbx_seq_align_beg_ins_code   ? 
_struct_ref_seq.seq_align_end                 6 
_struct_ref_seq.pdbx_seq_align_end_ins_code   ? 
_struct_ref_seq.pdbx_db_accession             1P20 
_struct_ref_seq.db_align_beg                  1 
_struct_ref_seq.pdbx_db_align_beg_ins_code    ? 
_struct_ref_seq.db_align_end                  6 
_struct_ref_seq.pdbx_db_align_end_ins_code    ? 
_struct_ref_seq.pdbx_auth_seq_align_beg       1 
_struct_ref_seq.pdbx_auth_seq_align_end       6 
# 
_pdbx_struct_assembly.id                   1 
_pdbx_struct_assembly.details              author_defined_assembly 
_pdbx_struct_assembly.method_details       ? 
_pdbx_struct_assembly.oligomeric_details   dimeric 
_pdbx_struct_assembly.oligomeric_count     2 
# 
_pdbx_struct_assembly_gen.assembly_id       1 
_pdbx_struct_assembly_gen.oper_expression   1,2 
_pdbx_struct_assembly_gen.asym_id_list      A,B,C,D,E,F 
# 
loop_
_pdbx_struct_oper_list.id 
_pdbx_struct_oper_list.type 
_pdbx_struct_oper_list.name 
_pdbx_struct_oper_list.symmetry_operation 
_pdbx_struct_oper_list.matrix[1][1] 
_pdbx_struct_oper_list.matrix[1][2] 
_pdbx_struct_oper_list.matrix[1][3] 
_pdbx_struct_oper_list.vector[1] 
_pdbx_struct_oper_list.matrix[2][1] 
_pdbx_struct_oper_list.matrix[2][2] 
_pdbx_struct_oper_list.matrix[2][3] 
_pdbx_struct_oper_list.vector[2] 
_pdbx_struct_oper_list.matrix[3][1] 
_pdbx_struct_oper_list.matrix[3][2] 
_pdbx_struct_oper_list.matrix[3][3] 
_pdbx_struct_oper_list.vector[3] 
1 'identity operation'         1_555 x,y,z            1.0000000000  0.0000000000 0.0000000000  0.0000000000 0.0000000000 1.0000000000  0.0000000000  0.0000000000 0.0000000000  0.0000000000  1.0000000000 0.0000000000 
2 'crystal symmetry operation' 8_665 -y+1,-x+1,-z+1/2 -0.9989104038 0.0040783847 -0.0464905577 5.1808873585 0.0040783847 -0.9847345083 -0.1740152719 2.0578242277 -0.0464905577 -0.1740152719 0.9836449121 0.3019467757 
# 
_struct_biol.id                    1 
_struct_biol.details               'The second part of the biological assembly is generated by the two fold axis:  -Y,-X,1/2-Z' 
_struct_biol.pdbx_parent_biol_id   ? 
# 
loop_
_struct_conn.id 
_struct_conn.conn_type_id 
_struct_conn.pdbx_leaving_atom_flag 
_struct_conn.pdbx_PDB_id 
_struct_conn.ptnr1_label_asym_id 
_struct_conn.ptnr1_label_comp_id 
_struct_conn.ptnr1_label_seq_id 
_struct_conn.ptnr1_label_atom_id 
_struct_conn.pdbx_ptnr1_label_alt_id 
_struct_conn.pdbx_ptnr1_PDB_ins_code 
_struct_conn.pdbx_ptnr1_standard_comp_id 
_struct_conn.ptnr1_symmetry 
_struct_conn.ptnr2_label_asym_id 
_struct_conn.ptnr2_label_comp_id 
_struct_conn.ptnr2_label_seq_id 
_struct_conn.ptnr2_label_atom_id 
_struct_conn.pdbx_ptnr2_label_alt_id 
_struct_conn.pdbx_ptnr2_PDB_ins_code 
_struct_conn.ptnr1_auth_asym_id 
_struct_conn.ptnr1_auth_comp_id 
_struct_conn.ptnr1_auth_seq_id 
_struct_conn.ptnr2_auth_asym_id 
_struct_conn.ptnr2_auth_comp_id 
_struct_conn.ptnr2_auth_seq_id 
_struct_conn.ptnr2_symmetry 
_struct_conn.pdbx_ptnr3_label_atom_id 
_struct_conn.pdbx_ptnr3_label_seq_id 
_struct_conn.pdbx_ptnr3_label_comp_id 
_struct_conn.pdbx_ptnr3_label_asym_id 
_struct_conn.pdbx_ptnr3_label_alt_id 
_struct_conn.pdbx_ptnr3_PDB_ins_code 
_struct_conn.details 
_struct_conn.pdbx_dist_value 
_struct_conn.pdbx_value_order 
_struct_conn.pdbx_role 
metalc1  metalc ? ? A DG  2 O6 ? ? ? 1_555 D TL  . TL ? ? A DG  2  A TL  9  1_555 ? ? ? ? ? ? ?            2.910 ? ? 
metalc2  metalc ? ? A DG  2 N7 ? ? ? 1_555 D TL  . TL ? ? A DG  2  A TL  9  1_555 ? ? ? ? ? ? ?            2.804 ? ? 
metalc3  metalc ? ? A DG  6 O6 ? ? ? 1_555 C TL  . TL ? ? A DG  6  A TL  8  1_555 ? ? ? ? ? ? ?            2.897 ? ? 
metalc4  metalc ? ? A DG  6 N7 ? ? ? 1_555 C TL  . TL ? ? A DG  6  A TL  8  1_555 ? ? ? ? ? ? ?            2.753 ? ? 
metalc5  metalc ? ? A DG  6 N7 ? ? ? 1_555 E TL  . TL ? ? A DG  6  A TL  10 1_555 ? ? ? ? ? ? ?            2.719 ? ? 
metalc6  metalc ? ? B DM2 . O6 ? ? ? 1_555 C TL  . TL ? ? A DM2 7  A TL  8  1_555 ? ? ? ? ? ? ?            3.111 ? ? 
metalc7  metalc ? ? B DM2 . O4 ? ? ? 1_555 C TL  . TL ? ? A DM2 7  A TL  8  1_555 ? ? ? ? ? ? ?            3.107 ? ? 
metalc8  metalc ? ? B DM2 . O4 ? ? ? 1_555 E TL  . TL ? ? A DM2 7  A TL  10 1_555 ? ? ? ? ? ? ?            3.145 ? ? 
metalc9  metalc ? ? B DM2 . O6 ? ? ? 1_555 E TL  . TL ? ? A DM2 7  A TL  10 1_555 ? ? ? ? ? ? ?            3.035 ? ? 
metalc10 metalc ? ? D TL  . TL ? ? ? 1_555 F HOH . O  ? ? A TL  9  A HOH 29 8_665 ? ? ? ? ? ? ?            2.701 ? ? 
metalc11 metalc ? ? D TL  . TL ? ? ? 1_555 F HOH . O  ? ? A TL  9  A HOH 55 1_555 ? ? ? ? ? ? ?            2.388 ? ? 
metalc12 metalc ? ? D TL  . TL ? ? ? 1_555 F HOH . O  ? ? A TL  9  A HOH 68 1_555 ? ? ? ? ? ? ?            1.846 ? ? 
metalc13 metalc ? ? E TL  . TL ? ? ? 1_555 F HOH . O  ? ? A TL  10 A HOH 59 1_555 ? ? ? ? ? ? ?            2.292 ? ? 
hydrog1  hydrog ? ? A DC  1 N3 ? ? ? 1_555 A DG  6 N1 ? ? A DC  1  A DG  6  8_665 ? ? ? ? ? ? WATSON-CRICK ?     ? ? 
hydrog2  hydrog ? ? A DC  1 N4 ? ? ? 1_555 A DG  6 O6 ? ? A DC  1  A DG  6  8_665 ? ? ? ? ? ? WATSON-CRICK ?     ? ? 
hydrog3  hydrog ? ? A DC  1 O2 ? ? ? 1_555 A DG  6 N2 ? ? A DC  1  A DG  6  8_665 ? ? ? ? ? ? WATSON-CRICK ?     ? ? 
hydrog4  hydrog ? ? A DG  2 N1 ? ? ? 1_555 A DC  5 N3 ? ? A DG  2  A DC  5  8_665 ? ? ? ? ? ? WATSON-CRICK ?     ? ? 
hydrog5  hydrog ? ? A DG  2 N2 ? ? ? 1_555 A DC  5 O2 ? ? A DG  2  A DC  5  8_665 ? ? ? ? ? ? WATSON-CRICK ?     ? ? 
hydrog6  hydrog ? ? A DG  2 O6 ? ? ? 1_555 A DC  5 N4 ? ? A DG  2  A DC  5  8_665 ? ? ? ? ? ? WATSON-CRICK ?     ? ? 
hydrog7  hydrog ? ? A DA  3 N1 ? ? ? 1_555 A DT  4 N3 ? ? A DA  3  A DT  4  8_665 ? ? ? ? ? ? WATSON-CRICK ?     ? ? 
hydrog8  hydrog ? ? A DA  3 N6 ? ? ? 1_555 A DT  4 O4 ? ? A DA  3  A DT  4  8_665 ? ? ? ? ? ? WATSON-CRICK ?     ? ? 
hydrog9  hydrog ? ? A DT  4 N3 ? ? ? 1_555 A DA  3 N1 ? ? A DT  4  A DA  3  8_665 ? ? ? ? ? ? WATSON-CRICK ?     ? ? 
hydrog10 hydrog ? ? A DT  4 O4 ? ? ? 1_555 A DA  3 N6 ? ? A DT  4  A DA  3  8_665 ? ? ? ? ? ? WATSON-CRICK ?     ? ? 
hydrog11 hydrog ? ? A DC  5 N3 ? ? ? 1_555 A DG  2 N1 ? ? A DC  5  A DG  2  8_665 ? ? ? ? ? ? WATSON-CRICK ?     ? ? 
hydrog12 hydrog ? ? A DC  5 N4 ? ? ? 1_555 A DG  2 O6 ? ? A DC  5  A DG  2  8_665 ? ? ? ? ? ? WATSON-CRICK ?     ? ? 
hydrog13 hydrog ? ? A DC  5 O2 ? ? ? 1_555 A DG  2 N2 ? ? A DC  5  A DG  2  8_665 ? ? ? ? ? ? WATSON-CRICK ?     ? ? 
hydrog14 hydrog ? ? A DG  6 N1 ? ? ? 1_555 A DC  1 N3 ? ? A DG  6  A DC  1  8_665 ? ? ? ? ? ? WATSON-CRICK ?     ? ? 
hydrog15 hydrog ? ? A DG  6 N2 ? ? ? 1_555 A DC  1 O2 ? ? A DG  6  A DC  1  8_665 ? ? ? ? ? ? WATSON-CRICK ?     ? ? 
hydrog16 hydrog ? ? A DG  6 O6 ? ? ? 1_555 A DC  1 N4 ? ? A DG  6  A DC  1  8_665 ? ? ? ? ? ? WATSON-CRICK ?     ? ? 
# 
loop_
_struct_conn_type.id 
_struct_conn_type.criteria 
_struct_conn_type.reference 
metalc ? ? 
hydrog ? ? 
# 
loop_
_pdbx_struct_conn_angle.id 
_pdbx_struct_conn_angle.ptnr1_label_atom_id 
_pdbx_struct_conn_angle.ptnr1_label_alt_id 
_pdbx_struct_conn_angle.ptnr1_label_asym_id 
_pdbx_struct_conn_angle.ptnr1_label_comp_id 
_pdbx_struct_conn_angle.ptnr1_label_seq_id 
_pdbx_struct_conn_angle.ptnr1_auth_atom_id 
_pdbx_struct_conn_angle.ptnr1_auth_asym_id 
_pdbx_struct_conn_angle.ptnr1_auth_comp_id 
_pdbx_struct_conn_angle.ptnr1_auth_seq_id 
_pdbx_struct_conn_angle.ptnr1_PDB_ins_code 
_pdbx_struct_conn_angle.ptnr1_symmetry 
_pdbx_struct_conn_angle.ptnr2_label_atom_id 
_pdbx_struct_conn_angle.ptnr2_label_alt_id 
_pdbx_struct_conn_angle.ptnr2_label_asym_id 
_pdbx_struct_conn_angle.ptnr2_label_comp_id 
_pdbx_struct_conn_angle.ptnr2_label_seq_id 
_pdbx_struct_conn_angle.ptnr2_auth_atom_id 
_pdbx_struct_conn_angle.ptnr2_auth_asym_id 
_pdbx_struct_conn_angle.ptnr2_auth_comp_id 
_pdbx_struct_conn_angle.ptnr2_auth_seq_id 
_pdbx_struct_conn_angle.ptnr2_PDB_ins_code 
_pdbx_struct_conn_angle.ptnr2_symmetry 
_pdbx_struct_conn_angle.ptnr3_label_atom_id 
_pdbx_struct_conn_angle.ptnr3_label_alt_id 
_pdbx_struct_conn_angle.ptnr3_label_asym_id 
_pdbx_struct_conn_angle.ptnr3_label_comp_id 
_pdbx_struct_conn_angle.ptnr3_label_seq_id 
_pdbx_struct_conn_angle.ptnr3_auth_atom_id 
_pdbx_struct_conn_angle.ptnr3_auth_asym_id 
_pdbx_struct_conn_angle.ptnr3_auth_comp_id 
_pdbx_struct_conn_angle.ptnr3_auth_seq_id 
_pdbx_struct_conn_angle.ptnr3_PDB_ins_code 
_pdbx_struct_conn_angle.ptnr3_symmetry 
_pdbx_struct_conn_angle.value 
_pdbx_struct_conn_angle.value_esd 
1  O6 ? A DG  2 ? A DG  2  ? 1_555 TL ? D TL . ? A TL 9  ? 1_555 N7 ? A DG  2 ? A DG  2  ? 1_555 66.0  ? 
2  O6 ? A DG  2 ? A DG  2  ? 1_555 TL ? D TL . ? A TL 9  ? 1_555 O  ? F HOH . ? A HOH 29 ? 8_665 63.2  ? 
3  N7 ? A DG  2 ? A DG  2  ? 1_555 TL ? D TL . ? A TL 9  ? 1_555 O  ? F HOH . ? A HOH 29 ? 8_665 80.1  ? 
4  O6 ? A DG  2 ? A DG  2  ? 1_555 TL ? D TL . ? A TL 9  ? 1_555 O  ? F HOH . ? A HOH 55 ? 1_555 127.8 ? 
5  N7 ? A DG  2 ? A DG  2  ? 1_555 TL ? D TL . ? A TL 9  ? 1_555 O  ? F HOH . ? A HOH 55 ? 1_555 72.3  ? 
6  O  ? F HOH . ? A HOH 29 ? 8_665 TL ? D TL . ? A TL 9  ? 1_555 O  ? F HOH . ? A HOH 55 ? 1_555 80.3  ? 
7  O6 ? A DG  2 ? A DG  2  ? 1_555 TL ? D TL . ? A TL 9  ? 1_555 O  ? F HOH . ? A HOH 68 ? 1_555 113.9 ? 
8  N7 ? A DG  2 ? A DG  2  ? 1_555 TL ? D TL . ? A TL 9  ? 1_555 O  ? F HOH . ? A HOH 68 ? 1_555 96.1  ? 
9  O  ? F HOH . ? A HOH 29 ? 8_665 TL ? D TL . ? A TL 9  ? 1_555 O  ? F HOH . ? A HOH 68 ? 1_555 175.9 ? 
10 O  ? F HOH . ? A HOH 55 ? 1_555 TL ? D TL . ? A TL 9  ? 1_555 O  ? F HOH . ? A HOH 68 ? 1_555 100.2 ? 
11 O6 ? A DG  6 ? A DG  6  ? 1_555 TL ? C TL . ? A TL 8  ? 1_555 N7 ? A DG  6 ? A DG  6  ? 1_555 66.4  ? 
12 O6 ? A DG  6 ? A DG  6  ? 1_555 TL ? C TL . ? A TL 8  ? 1_555 O6 ? B DM2 . ? A DM2 7  ? 1_555 70.2  ? 
13 N7 ? A DG  6 ? A DG  6  ? 1_555 TL ? C TL . ? A TL 8  ? 1_555 O6 ? B DM2 . ? A DM2 7  ? 1_555 71.8  ? 
14 O6 ? A DG  6 ? A DG  6  ? 1_555 TL ? C TL . ? A TL 8  ? 1_555 O4 ? B DM2 . ? A DM2 7  ? 1_555 99.8  ? 
15 N7 ? A DG  6 ? A DG  6  ? 1_555 TL ? C TL . ? A TL 8  ? 1_555 O4 ? B DM2 . ? A DM2 7  ? 1_555 120.2 ? 
16 O6 ? B DM2 . ? A DM2 7  ? 1_555 TL ? C TL . ? A TL 8  ? 1_555 O4 ? B DM2 . ? A DM2 7  ? 1_555 49.7  ? 
17 N7 ? A DG  6 ? A DG  6  ? 1_555 TL ? E TL . ? A TL 10 ? 1_555 O4 ? B DM2 . ? A DM2 7  ? 1_555 120.0 ? 
18 N7 ? A DG  6 ? A DG  6  ? 1_555 TL ? E TL . ? A TL 10 ? 1_555 O6 ? B DM2 . ? A DM2 7  ? 1_555 73.5  ? 
19 O4 ? B DM2 . ? A DM2 7  ? 1_555 TL ? E TL . ? A TL 10 ? 1_555 O6 ? B DM2 . ? A DM2 7  ? 1_555 50.0  ? 
20 N7 ? A DG  6 ? A DG  6  ? 1_555 TL ? E TL . ? A TL 10 ? 1_555 O  ? F HOH . ? A HOH 59 ? 1_555 102.6 ? 
21 O4 ? B DM2 . ? A DM2 7  ? 1_555 TL ? E TL . ? A TL 10 ? 1_555 O  ? F HOH . ? A HOH 59 ? 1_555 113.0 ? 
22 O6 ? B DM2 . ? A DM2 7  ? 1_555 TL ? E TL . ? A TL 10 ? 1_555 O  ? F HOH . ? A HOH 59 ? 1_555 110.0 ? 
# 
loop_
_struct_site.id 
_struct_site.pdbx_evidence_code 
_struct_site.pdbx_auth_asym_id 
_struct_site.pdbx_auth_comp_id 
_struct_site.pdbx_auth_seq_id 
_struct_site.pdbx_auth_ins_code 
_struct_site.pdbx_num_residues 
_struct_site.details 
AC1 Software A DM2 7  ? 16 'BINDING SITE FOR RESIDUE DM2 A 7' 
AC2 Software A TL  8  ? 3  'BINDING SITE FOR RESIDUE TL A 8'  
AC3 Software A TL  9  ? 4  'BINDING SITE FOR RESIDUE TL A 9'  
AC4 Software A TL  10 ? 4  'BINDING SITE FOR RESIDUE TL A 10' 
# 
loop_
_struct_site_gen.id 
_struct_site_gen.site_id 
_struct_site_gen.pdbx_num_res 
_struct_site_gen.label_comp_id 
_struct_site_gen.label_asym_id 
_struct_site_gen.label_seq_id 
_struct_site_gen.pdbx_auth_ins_code 
_struct_site_gen.auth_comp_id 
_struct_site_gen.auth_asym_id 
_struct_site_gen.auth_seq_id 
_struct_site_gen.label_atom_id 
_struct_site_gen.label_alt_id 
_struct_site_gen.symmetry 
_struct_site_gen.details 
1  AC1 16 DC  A 1 ? DC  A 1  . ? 8_665 ? 
2  AC1 16 DG  A 2 ? DG  A 2  . ? 8_665 ? 
3  AC1 16 DA  A 3 ? DA  A 3  . ? 8_665 ? 
4  AC1 16 DT  A 4 ? DT  A 4  . ? 1_555 ? 
5  AC1 16 DC  A 5 ? DC  A 5  . ? 1_555 ? 
6  AC1 16 DG  A 6 ? DG  A 6  . ? 1_555 ? 
7  AC1 16 TL  C . ? TL  A 8  . ? 1_555 ? 
8  AC1 16 TL  E . ? TL  A 10 . ? 1_555 ? 
9  AC1 16 HOH F . ? HOH A 13 . ? 1_555 ? 
10 AC1 16 HOH F . ? HOH A 19 . ? 1_555 ? 
11 AC1 16 HOH F . ? HOH A 32 . ? 1_555 ? 
12 AC1 16 HOH F . ? HOH A 39 . ? 1_555 ? 
13 AC1 16 HOH F . ? HOH A 40 . ? 1_555 ? 
14 AC1 16 HOH F . ? HOH A 60 . ? 1_555 ? 
15 AC1 16 HOH F . ? HOH A 67 . ? 1_555 ? 
16 AC1 16 HOH F . ? HOH A 68 . ? 8_665 ? 
17 AC2 3  DG  A 6 ? DG  A 6  . ? 1_555 ? 
18 AC2 3  DM2 B . ? DM2 A 7  . ? 1_555 ? 
19 AC2 3  TL  E . ? TL  A 10 . ? 1_555 ? 
20 AC3 4  DG  A 2 ? DG  A 2  . ? 1_555 ? 
21 AC3 4  HOH F . ? HOH A 29 . ? 8_665 ? 
22 AC3 4  HOH F . ? HOH A 55 . ? 1_555 ? 
23 AC3 4  HOH F . ? HOH A 68 . ? 1_555 ? 
24 AC4 4  DG  A 6 ? DG  A 6  . ? 1_555 ? 
25 AC4 4  DM2 B . ? DM2 A 7  . ? 1_555 ? 
26 AC4 4  TL  C . ? TL  A 8  . ? 1_555 ? 
27 AC4 4  HOH F . ? HOH A 59 . ? 1_555 ? 
# 
loop_
_pdbx_validate_rmsd_bond.id 
_pdbx_validate_rmsd_bond.PDB_model_num 
_pdbx_validate_rmsd_bond.auth_atom_id_1 
_pdbx_validate_rmsd_bond.auth_asym_id_1 
_pdbx_validate_rmsd_bond.auth_comp_id_1 
_pdbx_validate_rmsd_bond.auth_seq_id_1 
_pdbx_validate_rmsd_bond.PDB_ins_code_1 
_pdbx_validate_rmsd_bond.label_alt_id_1 
_pdbx_validate_rmsd_bond.auth_atom_id_2 
_pdbx_validate_rmsd_bond.auth_asym_id_2 
_pdbx_validate_rmsd_bond.auth_comp_id_2 
_pdbx_validate_rmsd_bond.auth_seq_id_2 
_pdbx_validate_rmsd_bond.PDB_ins_code_2 
_pdbx_validate_rmsd_bond.label_alt_id_2 
_pdbx_validate_rmsd_bond.bond_value 
_pdbx_validate_rmsd_bond.bond_target_value 
_pdbx_validate_rmsd_bond.bond_deviation 
_pdbx_validate_rmsd_bond.bond_standard_deviation 
_pdbx_validate_rmsd_bond.linker_flag 
1 1 "O3'" A DA 3 ? ? "C3'" A DA 3 ? ? 1.380 1.419 -0.039 0.006 N 
2 1 P     A DG 6 ? ? OP2   A DG 6 ? ? 1.365 1.485 -0.120 0.017 N 
# 
_pdbx_validate_planes.id              1 
_pdbx_validate_planes.PDB_model_num   1 
_pdbx_validate_planes.auth_comp_id    DC 
_pdbx_validate_planes.auth_asym_id    A 
_pdbx_validate_planes.auth_seq_id     5 
_pdbx_validate_planes.PDB_ins_code    ? 
_pdbx_validate_planes.label_alt_id    ? 
_pdbx_validate_planes.rmsd            0.103 
_pdbx_validate_planes.type            'SIDE CHAIN' 
# 
loop_
_chem_comp_atom.comp_id 
_chem_comp_atom.atom_id 
_chem_comp_atom.type_symbol 
_chem_comp_atom.pdbx_aromatic_flag 
_chem_comp_atom.pdbx_stereo_config 
_chem_comp_atom.pdbx_ordinal 
DA  OP3    O  N N 1   
DA  P      P  N N 2   
DA  OP1    O  N N 3   
DA  OP2    O  N N 4   
DA  "O5'"  O  N N 5   
DA  "C5'"  C  N N 6   
DA  "C4'"  C  N R 7   
DA  "O4'"  O  N N 8   
DA  "C3'"  C  N S 9   
DA  "O3'"  O  N N 10  
DA  "C2'"  C  N N 11  
DA  "C1'"  C  N R 12  
DA  N9     N  Y N 13  
DA  C8     C  Y N 14  
DA  N7     N  Y N 15  
DA  C5     C  Y N 16  
DA  C6     C  Y N 17  
DA  N6     N  N N 18  
DA  N1     N  Y N 19  
DA  C2     C  Y N 20  
DA  N3     N  Y N 21  
DA  C4     C  Y N 22  
DA  HOP3   H  N N 23  
DA  HOP2   H  N N 24  
DA  "H5'"  H  N N 25  
DA  "H5''" H  N N 26  
DA  "H4'"  H  N N 27  
DA  "H3'"  H  N N 28  
DA  "HO3'" H  N N 29  
DA  "H2'"  H  N N 30  
DA  "H2''" H  N N 31  
DA  "H1'"  H  N N 32  
DA  H8     H  N N 33  
DA  H61    H  N N 34  
DA  H62    H  N N 35  
DA  H2     H  N N 36  
DC  OP3    O  N N 37  
DC  P      P  N N 38  
DC  OP1    O  N N 39  
DC  OP2    O  N N 40  
DC  "O5'"  O  N N 41  
DC  "C5'"  C  N N 42  
DC  "C4'"  C  N R 43  
DC  "O4'"  O  N N 44  
DC  "C3'"  C  N S 45  
DC  "O3'"  O  N N 46  
DC  "C2'"  C  N N 47  
DC  "C1'"  C  N R 48  
DC  N1     N  N N 49  
DC  C2     C  N N 50  
DC  O2     O  N N 51  
DC  N3     N  N N 52  
DC  C4     C  N N 53  
DC  N4     N  N N 54  
DC  C5     C  N N 55  
DC  C6     C  N N 56  
DC  HOP3   H  N N 57  
DC  HOP2   H  N N 58  
DC  "H5'"  H  N N 59  
DC  "H5''" H  N N 60  
DC  "H4'"  H  N N 61  
DC  "H3'"  H  N N 62  
DC  "HO3'" H  N N 63  
DC  "H2'"  H  N N 64  
DC  "H2''" H  N N 65  
DC  "H1'"  H  N N 66  
DC  H41    H  N N 67  
DC  H42    H  N N 68  
DC  H5     H  N N 69  
DC  H6     H  N N 70  
DG  OP3    O  N N 71  
DG  P      P  N N 72  
DG  OP1    O  N N 73  
DG  OP2    O  N N 74  
DG  "O5'"  O  N N 75  
DG  "C5'"  C  N N 76  
DG  "C4'"  C  N R 77  
DG  "O4'"  O  N N 78  
DG  "C3'"  C  N S 79  
DG  "O3'"  O  N N 80  
DG  "C2'"  C  N N 81  
DG  "C1'"  C  N R 82  
DG  N9     N  Y N 83  
DG  C8     C  Y N 84  
DG  N7     N  Y N 85  
DG  C5     C  Y N 86  
DG  C6     C  N N 87  
DG  O6     O  N N 88  
DG  N1     N  N N 89  
DG  C2     C  N N 90  
DG  N2     N  N N 91  
DG  N3     N  N N 92  
DG  C4     C  Y N 93  
DG  HOP3   H  N N 94  
DG  HOP2   H  N N 95  
DG  "H5'"  H  N N 96  
DG  "H5''" H  N N 97  
DG  "H4'"  H  N N 98  
DG  "H3'"  H  N N 99  
DG  "HO3'" H  N N 100 
DG  "H2'"  H  N N 101 
DG  "H2''" H  N N 102 
DG  "H1'"  H  N N 103 
DG  H8     H  N N 104 
DG  H1     H  N N 105 
DG  H21    H  N N 106 
DG  H22    H  N N 107 
DM2 C1     C  Y N 108 
DM2 C2     C  Y N 109 
DM2 C3     C  Y N 110 
DM2 C4     C  Y N 111 
DM2 O4     O  N N 112 
DM2 C5     C  Y N 113 
DM2 C6     C  N N 114 
DM2 O6     O  N N 115 
DM2 C7     C  Y N 116 
DM2 C8     C  Y N 117 
DM2 O8     O  N N 118 
DM2 C9     C  Y N 119 
DM2 C10    C  N S 120 
DM2 O10    O  N N 121 
DM2 C11    C  N N 122 
DM2 C12    C  N S 123 
DM2 O12    O  N N 124 
DM2 C13    C  N N 125 
DM2 O13    O  N N 126 
DM2 C14    C  N N 127 
DM2 O14    O  N N 128 
DM2 C15    C  N N 129 
DM2 C16    C  Y N 130 
DM2 C17    C  Y N 131 
DM2 O17    O  N N 132 
DM2 C18    C  Y N 133 
DM2 C19    C  N N 134 
DM2 O19    O  N N 135 
DM2 C20    C  Y N 136 
DM2 C21    C  N N 137 
DM2 "C1'"  C  N R 138 
DM2 "C2'"  C  N N 139 
DM2 "C3'"  C  N S 140 
DM2 "N3'"  N  N N 141 
DM2 "C4'"  C  N S 142 
DM2 "O4'"  O  N N 143 
DM2 "C5'"  C  N S 144 
DM2 "O5'"  O  N N 145 
DM2 "C6'"  C  N N 146 
DM2 H1     H  N N 147 
DM2 H2     H  N N 148 
DM2 H3     H  N N 149 
DM2 HO8    H  N N 150 
DM2 H10    H  N N 151 
DM2 H111   H  N N 152 
DM2 H112   H  N N 153 
DM2 HO12   H  N N 154 
DM2 H141   H  N N 155 
DM2 H142   H  N N 156 
DM2 HO14   H  N N 157 
DM2 H151   H  N N 158 
DM2 H152   H  N N 159 
DM2 HO17   H  N N 160 
DM2 H211   H  N N 161 
DM2 H212   H  N N 162 
DM2 H213   H  N N 163 
DM2 "H1'"  H  N N 164 
DM2 "H2'1" H  N N 165 
DM2 "H2'2" H  N N 166 
DM2 "H3'"  H  N N 167 
DM2 "HN'1" H  N N 168 
DM2 "HN'2" H  N N 169 
DM2 "H4'"  H  N N 170 
DM2 "HO4'" H  N N 171 
DM2 "H5'"  H  N N 172 
DM2 "H6'1" H  N N 173 
DM2 "H6'2" H  N N 174 
DM2 "H6'3" H  N N 175 
DT  OP3    O  N N 176 
DT  P      P  N N 177 
DT  OP1    O  N N 178 
DT  OP2    O  N N 179 
DT  "O5'"  O  N N 180 
DT  "C5'"  C  N N 181 
DT  "C4'"  C  N R 182 
DT  "O4'"  O  N N 183 
DT  "C3'"  C  N S 184 
DT  "O3'"  O  N N 185 
DT  "C2'"  C  N N 186 
DT  "C1'"  C  N R 187 
DT  N1     N  N N 188 
DT  C2     C  N N 189 
DT  O2     O  N N 190 
DT  N3     N  N N 191 
DT  C4     C  N N 192 
DT  O4     O  N N 193 
DT  C5     C  N N 194 
DT  C7     C  N N 195 
DT  C6     C  N N 196 
DT  HOP3   H  N N 197 
DT  HOP2   H  N N 198 
DT  "H5'"  H  N N 199 
DT  "H5''" H  N N 200 
DT  "H4'"  H  N N 201 
DT  "H3'"  H  N N 202 
DT  "HO3'" H  N N 203 
DT  "H2'"  H  N N 204 
DT  "H2''" H  N N 205 
DT  "H1'"  H  N N 206 
DT  H3     H  N N 207 
DT  H71    H  N N 208 
DT  H72    H  N N 209 
DT  H73    H  N N 210 
DT  H6     H  N N 211 
HOH O      O  N N 212 
HOH H1     H  N N 213 
HOH H2     H  N N 214 
TL  TL     TL N N 215 
# 
loop_
_chem_comp_bond.comp_id 
_chem_comp_bond.atom_id_1 
_chem_comp_bond.atom_id_2 
_chem_comp_bond.value_order 
_chem_comp_bond.pdbx_aromatic_flag 
_chem_comp_bond.pdbx_stereo_config 
_chem_comp_bond.pdbx_ordinal 
DA  OP3   P      sing N N 1   
DA  OP3   HOP3   sing N N 2   
DA  P     OP1    doub N N 3   
DA  P     OP2    sing N N 4   
DA  P     "O5'"  sing N N 5   
DA  OP2   HOP2   sing N N 6   
DA  "O5'" "C5'"  sing N N 7   
DA  "C5'" "C4'"  sing N N 8   
DA  "C5'" "H5'"  sing N N 9   
DA  "C5'" "H5''" sing N N 10  
DA  "C4'" "O4'"  sing N N 11  
DA  "C4'" "C3'"  sing N N 12  
DA  "C4'" "H4'"  sing N N 13  
DA  "O4'" "C1'"  sing N N 14  
DA  "C3'" "O3'"  sing N N 15  
DA  "C3'" "C2'"  sing N N 16  
DA  "C3'" "H3'"  sing N N 17  
DA  "O3'" "HO3'" sing N N 18  
DA  "C2'" "C1'"  sing N N 19  
DA  "C2'" "H2'"  sing N N 20  
DA  "C2'" "H2''" sing N N 21  
DA  "C1'" N9     sing N N 22  
DA  "C1'" "H1'"  sing N N 23  
DA  N9    C8     sing Y N 24  
DA  N9    C4     sing Y N 25  
DA  C8    N7     doub Y N 26  
DA  C8    H8     sing N N 27  
DA  N7    C5     sing Y N 28  
DA  C5    C6     sing Y N 29  
DA  C5    C4     doub Y N 30  
DA  C6    N6     sing N N 31  
DA  C6    N1     doub Y N 32  
DA  N6    H61    sing N N 33  
DA  N6    H62    sing N N 34  
DA  N1    C2     sing Y N 35  
DA  C2    N3     doub Y N 36  
DA  C2    H2     sing N N 37  
DA  N3    C4     sing Y N 38  
DC  OP3   P      sing N N 39  
DC  OP3   HOP3   sing N N 40  
DC  P     OP1    doub N N 41  
DC  P     OP2    sing N N 42  
DC  P     "O5'"  sing N N 43  
DC  OP2   HOP2   sing N N 44  
DC  "O5'" "C5'"  sing N N 45  
DC  "C5'" "C4'"  sing N N 46  
DC  "C5'" "H5'"  sing N N 47  
DC  "C5'" "H5''" sing N N 48  
DC  "C4'" "O4'"  sing N N 49  
DC  "C4'" "C3'"  sing N N 50  
DC  "C4'" "H4'"  sing N N 51  
DC  "O4'" "C1'"  sing N N 52  
DC  "C3'" "O3'"  sing N N 53  
DC  "C3'" "C2'"  sing N N 54  
DC  "C3'" "H3'"  sing N N 55  
DC  "O3'" "HO3'" sing N N 56  
DC  "C2'" "C1'"  sing N N 57  
DC  "C2'" "H2'"  sing N N 58  
DC  "C2'" "H2''" sing N N 59  
DC  "C1'" N1     sing N N 60  
DC  "C1'" "H1'"  sing N N 61  
DC  N1    C2     sing N N 62  
DC  N1    C6     sing N N 63  
DC  C2    O2     doub N N 64  
DC  C2    N3     sing N N 65  
DC  N3    C4     doub N N 66  
DC  C4    N4     sing N N 67  
DC  C4    C5     sing N N 68  
DC  N4    H41    sing N N 69  
DC  N4    H42    sing N N 70  
DC  C5    C6     doub N N 71  
DC  C5    H5     sing N N 72  
DC  C6    H6     sing N N 73  
DG  OP3   P      sing N N 74  
DG  OP3   HOP3   sing N N 75  
DG  P     OP1    doub N N 76  
DG  P     OP2    sing N N 77  
DG  P     "O5'"  sing N N 78  
DG  OP2   HOP2   sing N N 79  
DG  "O5'" "C5'"  sing N N 80  
DG  "C5'" "C4'"  sing N N 81  
DG  "C5'" "H5'"  sing N N 82  
DG  "C5'" "H5''" sing N N 83  
DG  "C4'" "O4'"  sing N N 84  
DG  "C4'" "C3'"  sing N N 85  
DG  "C4'" "H4'"  sing N N 86  
DG  "O4'" "C1'"  sing N N 87  
DG  "C3'" "O3'"  sing N N 88  
DG  "C3'" "C2'"  sing N N 89  
DG  "C3'" "H3'"  sing N N 90  
DG  "O3'" "HO3'" sing N N 91  
DG  "C2'" "C1'"  sing N N 92  
DG  "C2'" "H2'"  sing N N 93  
DG  "C2'" "H2''" sing N N 94  
DG  "C1'" N9     sing N N 95  
DG  "C1'" "H1'"  sing N N 96  
DG  N9    C8     sing Y N 97  
DG  N9    C4     sing Y N 98  
DG  C8    N7     doub Y N 99  
DG  C8    H8     sing N N 100 
DG  N7    C5     sing Y N 101 
DG  C5    C6     sing N N 102 
DG  C5    C4     doub Y N 103 
DG  C6    O6     doub N N 104 
DG  C6    N1     sing N N 105 
DG  N1    C2     sing N N 106 
DG  N1    H1     sing N N 107 
DG  C2    N2     sing N N 108 
DG  C2    N3     doub N N 109 
DG  N2    H21    sing N N 110 
DG  N2    H22    sing N N 111 
DG  N3    C4     sing N N 112 
DM2 C1    C2     doub Y N 113 
DM2 C1    C20    sing Y N 114 
DM2 C1    H1     sing N N 115 
DM2 C2    C3     sing Y N 116 
DM2 C2    H2     sing N N 117 
DM2 C3    C4     doub Y N 118 
DM2 C3    H3     sing N N 119 
DM2 C4    O4     sing N N 120 
DM2 C4    C5     sing Y N 121 
DM2 O4    C21    sing N N 122 
DM2 C5    C6     sing N N 123 
DM2 C5    C20    doub Y N 124 
DM2 C6    O6     doub N N 125 
DM2 C6    C7     sing N N 126 
DM2 C7    C8     doub Y N 127 
DM2 C7    C18    sing Y N 128 
DM2 C8    O8     sing N N 129 
DM2 C8    C9     sing Y N 130 
DM2 O8    HO8    sing N N 131 
DM2 C9    C10    sing N N 132 
DM2 C9    C16    doub Y N 133 
DM2 C10   O10    sing N N 134 
DM2 C10   C11    sing N N 135 
DM2 C10   H10    sing N N 136 
DM2 O10   "C1'"  sing N N 137 
DM2 C11   C12    sing N N 138 
DM2 C11   H111   sing N N 139 
DM2 C11   H112   sing N N 140 
DM2 C12   O12    sing N N 141 
DM2 C12   C13    sing N N 142 
DM2 C12   C15    sing N N 143 
DM2 O12   HO12   sing N N 144 
DM2 C13   O13    doub N N 145 
DM2 C13   C14    sing N N 146 
DM2 C14   O14    sing N N 147 
DM2 C14   H141   sing N N 148 
DM2 C14   H142   sing N N 149 
DM2 O14   HO14   sing N N 150 
DM2 C15   C16    sing N N 151 
DM2 C15   H151   sing N N 152 
DM2 C15   H152   sing N N 153 
DM2 C16   C17    sing Y N 154 
DM2 C17   O17    sing N N 155 
DM2 C17   C18    doub Y N 156 
DM2 O17   HO17   sing N N 157 
DM2 C18   C19    sing N N 158 
DM2 C19   O19    doub N N 159 
DM2 C19   C20    sing N N 160 
DM2 C21   H211   sing N N 161 
DM2 C21   H212   sing N N 162 
DM2 C21   H213   sing N N 163 
DM2 "C1'" "C2'"  sing N N 164 
DM2 "C1'" "O5'"  sing N N 165 
DM2 "C1'" "H1'"  sing N N 166 
DM2 "C2'" "C3'"  sing N N 167 
DM2 "C2'" "H2'1" sing N N 168 
DM2 "C2'" "H2'2" sing N N 169 
DM2 "C3'" "N3'"  sing N N 170 
DM2 "C3'" "C4'"  sing N N 171 
DM2 "C3'" "H3'"  sing N N 172 
DM2 "N3'" "HN'1" sing N N 173 
DM2 "N3'" "HN'2" sing N N 174 
DM2 "C4'" "O4'"  sing N N 175 
DM2 "C4'" "C5'"  sing N N 176 
DM2 "C4'" "H4'"  sing N N 177 
DM2 "O4'" "HO4'" sing N N 178 
DM2 "C5'" "O5'"  sing N N 179 
DM2 "C5'" "C6'"  sing N N 180 
DM2 "C5'" "H5'"  sing N N 181 
DM2 "C6'" "H6'1" sing N N 182 
DM2 "C6'" "H6'2" sing N N 183 
DM2 "C6'" "H6'3" sing N N 184 
DT  OP3   P      sing N N 185 
DT  OP3   HOP3   sing N N 186 
DT  P     OP1    doub N N 187 
DT  P     OP2    sing N N 188 
DT  P     "O5'"  sing N N 189 
DT  OP2   HOP2   sing N N 190 
DT  "O5'" "C5'"  sing N N 191 
DT  "C5'" "C4'"  sing N N 192 
DT  "C5'" "H5'"  sing N N 193 
DT  "C5'" "H5''" sing N N 194 
DT  "C4'" "O4'"  sing N N 195 
DT  "C4'" "C3'"  sing N N 196 
DT  "C4'" "H4'"  sing N N 197 
DT  "O4'" "C1'"  sing N N 198 
DT  "C3'" "O3'"  sing N N 199 
DT  "C3'" "C2'"  sing N N 200 
DT  "C3'" "H3'"  sing N N 201 
DT  "O3'" "HO3'" sing N N 202 
DT  "C2'" "C1'"  sing N N 203 
DT  "C2'" "H2'"  sing N N 204 
DT  "C2'" "H2''" sing N N 205 
DT  "C1'" N1     sing N N 206 
DT  "C1'" "H1'"  sing N N 207 
DT  N1    C2     sing N N 208 
DT  N1    C6     sing N N 209 
DT  C2    O2     doub N N 210 
DT  C2    N3     sing N N 211 
DT  N3    C4     sing N N 212 
DT  N3    H3     sing N N 213 
DT  C4    O4     doub N N 214 
DT  C4    C5     sing N N 215 
DT  C5    C7     sing N N 216 
DT  C5    C6     doub N N 217 
DT  C7    H71    sing N N 218 
DT  C7    H72    sing N N 219 
DT  C7    H73    sing N N 220 
DT  C6    H6     sing N N 221 
HOH O     H1     sing N N 222 
HOH O     H2     sing N N 223 
# 
_ndb_struct_conf_na.entry_id   1P20 
_ndb_struct_conf_na.feature    'b-form double helix' 
# 
loop_
_ndb_struct_na_base_pair.model_number 
_ndb_struct_na_base_pair.i_label_asym_id 
_ndb_struct_na_base_pair.i_label_comp_id 
_ndb_struct_na_base_pair.i_label_seq_id 
_ndb_struct_na_base_pair.i_symmetry 
_ndb_struct_na_base_pair.j_label_asym_id 
_ndb_struct_na_base_pair.j_label_comp_id 
_ndb_struct_na_base_pair.j_label_seq_id 
_ndb_struct_na_base_pair.j_symmetry 
_ndb_struct_na_base_pair.shear 
_ndb_struct_na_base_pair.stretch 
_ndb_struct_na_base_pair.stagger 
_ndb_struct_na_base_pair.buckle 
_ndb_struct_na_base_pair.propeller 
_ndb_struct_na_base_pair.opening 
_ndb_struct_na_base_pair.pair_number 
_ndb_struct_na_base_pair.pair_name 
_ndb_struct_na_base_pair.i_auth_asym_id 
_ndb_struct_na_base_pair.i_auth_seq_id 
_ndb_struct_na_base_pair.i_PDB_ins_code 
_ndb_struct_na_base_pair.j_auth_asym_id 
_ndb_struct_na_base_pair.j_auth_seq_id 
_ndb_struct_na_base_pair.j_PDB_ins_code 
_ndb_struct_na_base_pair.hbond_type_28 
_ndb_struct_na_base_pair.hbond_type_12 
1 A DC 1 1_555 A DG 6 8_665 0.196  -0.109 -0.108 8.097   1.792  -1.941 1 A_DC1:DG6_A A 1 ? A 6 ? 19 1 
1 A DG 2 1_555 A DC 5 8_665 -0.238 0.028  -0.442 -19.632 -0.319 2.789  2 A_DG2:DC5_A A 2 ? A 5 ? 19 1 
1 A DA 3 1_555 A DT 4 8_665 0.028  -0.140 0.086  -8.446  -3.698 1.951  3 A_DA3:DT4_A A 3 ? A 4 ? 20 1 
1 A DT 4 1_555 A DA 3 8_665 -0.028 -0.140 0.086  8.446   -3.699 1.951  4 A_DT4:DA3_A A 4 ? A 3 ? 20 1 
1 A DC 5 1_555 A DG 2 8_665 0.238  0.028  -0.442 19.632  -0.319 2.789  5 A_DC5:DG2_A A 5 ? A 2 ? 19 1 
1 A DG 6 1_555 A DC 1 8_665 -0.196 -0.109 -0.108 -8.097  1.792  -1.941 6 A_DG6:DC1_A A 6 ? A 1 ? 19 1 
# 
loop_
_ndb_struct_na_base_pair_step.model_number 
_ndb_struct_na_base_pair_step.i_label_asym_id_1 
_ndb_struct_na_base_pair_step.i_label_comp_id_1 
_ndb_struct_na_base_pair_step.i_label_seq_id_1 
_ndb_struct_na_base_pair_step.i_symmetry_1 
_ndb_struct_na_base_pair_step.j_label_asym_id_1 
_ndb_struct_na_base_pair_step.j_label_comp_id_1 
_ndb_struct_na_base_pair_step.j_label_seq_id_1 
_ndb_struct_na_base_pair_step.j_symmetry_1 
_ndb_struct_na_base_pair_step.i_label_asym_id_2 
_ndb_struct_na_base_pair_step.i_label_comp_id_2 
_ndb_struct_na_base_pair_step.i_label_seq_id_2 
_ndb_struct_na_base_pair_step.i_symmetry_2 
_ndb_struct_na_base_pair_step.j_label_asym_id_2 
_ndb_struct_na_base_pair_step.j_label_comp_id_2 
_ndb_struct_na_base_pair_step.j_label_seq_id_2 
_ndb_struct_na_base_pair_step.j_symmetry_2 
_ndb_struct_na_base_pair_step.shift 
_ndb_struct_na_base_pair_step.slide 
_ndb_struct_na_base_pair_step.rise 
_ndb_struct_na_base_pair_step.tilt 
_ndb_struct_na_base_pair_step.roll 
_ndb_struct_na_base_pair_step.twist 
_ndb_struct_na_base_pair_step.x_displacement 
_ndb_struct_na_base_pair_step.y_displacement 
_ndb_struct_na_base_pair_step.helical_rise 
_ndb_struct_na_base_pair_step.inclination 
_ndb_struct_na_base_pair_step.tip 
_ndb_struct_na_base_pair_step.helical_twist 
_ndb_struct_na_base_pair_step.step_number 
_ndb_struct_na_base_pair_step.step_name 
_ndb_struct_na_base_pair_step.i_auth_asym_id_1 
_ndb_struct_na_base_pair_step.i_auth_seq_id_1 
_ndb_struct_na_base_pair_step.i_PDB_ins_code_1 
_ndb_struct_na_base_pair_step.j_auth_asym_id_1 
_ndb_struct_na_base_pair_step.j_auth_seq_id_1 
_ndb_struct_na_base_pair_step.j_PDB_ins_code_1 
_ndb_struct_na_base_pair_step.i_auth_asym_id_2 
_ndb_struct_na_base_pair_step.i_auth_seq_id_2 
_ndb_struct_na_base_pair_step.i_PDB_ins_code_2 
_ndb_struct_na_base_pair_step.j_auth_asym_id_2 
_ndb_struct_na_base_pair_step.j_auth_seq_id_2 
_ndb_struct_na_base_pair_step.j_PDB_ins_code_2 
1 A DC 1 1_555 A DG 6 8_665 A DG 2 1_555 A DC 5 8_665 1.471  1.249  7.071 1.785  -2.294 34.673 2.844  -1.872 7.041 -3.841 -2.988  
34.791 1 AA_DC1DG2:DC5DG6_AA A 1 ? A 6 ? A 2 ? A 5 ? 
1 A DG 2 1_555 A DC 5 8_665 A DA 3 1_555 A DT 4 8_665 -1.418 0.418  3.071 -5.639 -0.298 31.054 0.823  1.584  3.267 -0.551 10.424  
31.550 2 AA_DG2DA3:DT4DC5_AA A 2 ? A 5 ? A 3 ? A 4 ? 
1 A DA 3 1_555 A DT 4 8_665 A DT 4 1_555 A DA 3 8_665 0.000  -0.694 3.041 0.000  3.566  32.834 -1.777 0.000  2.951 6.285  0.000   
33.022 3 AA_DA3DT4:DA3DT4_AA A 3 ? A 4 ? A 4 ? A 3 ? 
1 A DT 4 1_555 A DA 3 8_665 A DC 5 1_555 A DG 2 8_665 1.418  0.418  3.071 5.639  -0.298 31.053 0.823  -1.584 3.267 -0.551 -10.424 
31.550 4 AA_DT4DC5:DG2DA3_AA A 4 ? A 3 ? A 5 ? A 2 ? 
1 A DC 5 1_555 A DG 2 8_665 A DG 6 1_555 A DC 1 8_665 -1.471 1.249  7.071 -1.785 -2.294 34.673 2.844  1.872  7.041 -3.842 2.988   
34.791 5 AA_DC5DG6:DC1DG2_AA A 5 ? A 2 ? A 6 ? A 1 ? 
# 
_pdbx_initial_refinement_model.accession_code   151D 
_pdbx_initial_refinement_model.id               1 
_pdbx_initial_refinement_model.entity_id_list   ? 
_pdbx_initial_refinement_model.type             'experimental model' 
_pdbx_initial_refinement_model.source_name      PDB 
_pdbx_initial_refinement_model.details          'NDB Entry DDF044' 
# 
_atom_sites.entry_id                    1P20 
_atom_sites.fract_transf_matrix[1][1]   -0.01299298 
_atom_sites.fract_transf_matrix[1][2]   -0.02421218 
_atom_sites.fract_transf_matrix[1][3]   0.02302554 
_atom_sites.fract_transf_matrix[2][1]   -0.01180961 
_atom_sites.fract_transf_matrix[2][2]   -0.01978278 
_atom_sites.fract_transf_matrix[2][3]   -0.02746629 
_atom_sites.fract_transf_matrix[3][1]   0.01667946 
_atom_sites.fract_transf_matrix[3][2]   -0.00935979 
_atom_sites.fract_transf_matrix[3][3]   -0.00043017 
_atom_sites.fract_transf_vector[1]      0.578091 
_atom_sites.fract_transf_vector[2]      0.532096 
_atom_sites.fract_transf_vector[3]      0.216482 
# 
loop_
_atom_type.symbol 
C  
N  
O  
P  
TL 
# 
loop_
_atom_site.group_PDB 
_atom_site.id 
_atom_site.type_symbol 
_atom_site.label_atom_id 
_atom_site.label_alt_id 
_atom_site.label_comp_id 
_atom_site.label_asym_id 
_atom_site.label_entity_id 
_atom_site.label_seq_id 
_atom_site.pdbx_PDB_ins_code 
_atom_site.Cartn_x 
_atom_site.Cartn_y 
_atom_site.Cartn_z 
_atom_site.occupancy 
_atom_site.B_iso_or_equiv 
_atom_site.pdbx_formal_charge 
_atom_site.auth_seq_id 
_atom_site.auth_comp_id 
_atom_site.auth_asym_id 
_atom_site.auth_atom_id 
_atom_site.pdbx_PDB_model_num 
ATOM   1   O  "O5'" . DC  A 1 1 ? 10.371  -3.869  -8.590  1.00 8.67  ? 1  DC  A "O5'" 1 
ATOM   2   C  "C5'" . DC  A 1 1 ? 10.782  -5.013  -9.231  1.00 8.13  ? 1  DC  A "C5'" 1 
ATOM   3   C  "C4'" . DC  A 1 1 ? 10.638  -6.190  -8.303  1.00 7.93  ? 1  DC  A "C4'" 1 
ATOM   4   O  "O4'" . DC  A 1 1 ? 11.687  -6.115  -7.292  1.00 7.29  ? 1  DC  A "O4'" 1 
ATOM   5   C  "C3'" . DC  A 1 1 ? 9.311   -6.274  -7.549  1.00 7.51  ? 1  DC  A "C3'" 1 
ATOM   6   O  "O3'" . DC  A 1 1 ? 8.972   -7.653  -7.396  1.00 7.06  ? 1  DC  A "O3'" 1 
ATOM   7   C  "C2'" . DC  A 1 1 ? 9.662   -5.665  -6.191  1.00 8.43  ? 1  DC  A "C2'" 1 
ATOM   8   C  "C1'" . DC  A 1 1 ? 11.121  -6.102  -5.987  1.00 6.43  ? 1  DC  A "C1'" 1 
ATOM   9   N  N1    . DC  A 1 1 ? 11.871  -5.118  -5.193  1.00 5.75  ? 1  DC  A N1    1 
ATOM   10  C  C2    . DC  A 1 1 ? 11.965  -5.319  -3.805  1.00 5.75  ? 1  DC  A C2    1 
ATOM   11  O  O2    . DC  A 1 1 ? 11.436  -6.325  -3.319  1.00 5.97  ? 1  DC  A O2    1 
ATOM   12  N  N3    . DC  A 1 1 ? 12.606  -4.409  -3.063  1.00 6.57  ? 1  DC  A N3    1 
ATOM   13  C  C4    . DC  A 1 1 ? 13.142  -3.312  -3.619  1.00 7.04  ? 1  DC  A C4    1 
ATOM   14  N  N4    . DC  A 1 1 ? 13.738  -2.422  -2.832  1.00 7.60  ? 1  DC  A N4    1 
ATOM   15  C  C5    . DC  A 1 1 ? 13.069  -3.085  -5.016  1.00 6.95  ? 1  DC  A C5    1 
ATOM   16  C  C6    . DC  A 1 1 ? 12.449  -4.012  -5.762  1.00 6.22  ? 1  DC  A C6    1 
ATOM   17  P  P     . DG  A 1 2 ? 7.567   -8.200  -7.912  1.00 8.94  ? 2  DG  A P     1 
ATOM   18  O  OP1   . DG  A 1 2 ? 7.643   -9.646  -7.848  1.00 9.73  ? 2  DG  A OP1   1 
ATOM   19  O  OP2   . DG  A 1 2 ? 7.158   -7.515  -9.152  1.00 9.78  ? 2  DG  A OP2   1 
ATOM   20  O  "O5'" . DG  A 1 2 ? 6.558   -7.677  -6.806  1.00 8.36  ? 2  DG  A "O5'" 1 
ATOM   21  C  "C5'" . DG  A 1 2 ? 6.598   -8.186  -5.475  1.00 8.21  ? 2  DG  A "C5'" 1 
ATOM   22  C  "C4'" . DG  A 1 2 ? 5.683   -7.383  -4.598  1.00 8.24  ? 2  DG  A "C4'" 1 
ATOM   23  O  "O4'" . DG  A 1 2 ? 6.305   -6.089  -4.358  1.00 8.44  ? 2  DG  A "O4'" 1 
ATOM   24  C  "C3'" . DG  A 1 2 ? 4.315   -7.076  -5.201  1.00 8.01  ? 2  DG  A "C3'" 1 
ATOM   25  O  "O3'" . DG  A 1 2 ? 3.323   -7.138  -4.175  1.00 10.51 ? 2  DG  A "O3'" 1 
ATOM   26  C  "C2'" . DG  A 1 2 ? 4.417   -5.614  -5.596  1.00 8.59  ? 2  DG  A "C2'" 1 
ATOM   27  C  "C1'" . DG  A 1 2 ? 5.308   -5.115  -4.475  1.00 8.05  ? 2  DG  A "C1'" 1 
ATOM   28  N  N9    . DG  A 1 2 ? 5.932   -3.801  -4.618  1.00 7.73  ? 2  DG  A N9    1 
ATOM   29  C  C8    . DG  A 1 2 ? 6.286   -3.126  -5.758  1.00 7.67  ? 2  DG  A C8    1 
ATOM   30  N  N7    . DG  A 1 2 ? 6.733   -1.931  -5.523  1.00 7.52  ? 2  DG  A N7    1 
ATOM   31  C  C5    . DG  A 1 2 ? 6.701   -1.819  -4.133  1.00 7.04  ? 2  DG  A C5    1 
ATOM   32  C  C6    . DG  A 1 2 ? 7.087   -0.729  -3.285  1.00 6.73  ? 2  DG  A C6    1 
ATOM   33  O  O6    . DG  A 1 2 ? 7.553   0.378   -3.601  1.00 8.07  ? 2  DG  A O6    1 
ATOM   34  N  N1    . DG  A 1 2 ? 6.918   -1.042  -1.930  1.00 6.06  ? 2  DG  A N1    1 
ATOM   35  C  C2    . DG  A 1 2 ? 6.447   -2.265  -1.464  1.00 5.91  ? 2  DG  A C2    1 
ATOM   36  N  N2    . DG  A 1 2 ? 6.393   -2.403  -0.138  1.00 7.00  ? 2  DG  A N2    1 
ATOM   37  N  N3    . DG  A 1 2 ? 6.084   -3.287  -2.254  1.00 7.15  ? 2  DG  A N3    1 
ATOM   38  C  C4    . DG  A 1 2 ? 6.225   -2.975  -3.567  1.00 6.04  ? 2  DG  A C4    1 
ATOM   39  P  P     . DA  A 1 3 ? 1.882   -7.806  -4.460  1.00 13.79 ? 3  DA  A P     1 
ATOM   40  O  OP1   . DA  A 1 3 ? 2.154   -9.211  -4.809  1.00 15.11 ? 3  DA  A OP1   1 
ATOM   41  O  OP2   . DA  A 1 3 ? 1.074   -6.955  -5.382  1.00 15.62 ? 3  DA  A OP2   1 
ATOM   42  O  "O5'" . DA  A 1 3 ? 1.280   -7.788  -2.981  1.00 11.01 ? 3  DA  A "O5'" 1 
ATOM   43  C  "C5'" . DA  A 1 3 ? 1.961   -8.458  -1.943  1.00 10.64 ? 3  DA  A "C5'" 1 
ATOM   44  C  "C4'" . DA  A 1 3 ? 1.880   -7.618  -0.699  1.00 8.94  ? 3  DA  A "C4'" 1 
ATOM   45  O  "O4'" . DA  A 1 3 ? 2.707   -6.431  -0.888  1.00 7.97  ? 3  DA  A "O4'" 1 
ATOM   46  C  "C3'" . DA  A 1 3 ? 0.448   -7.156  -0.336  1.00 9.93  ? 3  DA  A "C3'" 1 
ATOM   47  O  "O3'" . DA  A 1 3 ? 0.285   -7.379  1.016   1.00 9.41  ? 3  DA  A "O3'" 1 
ATOM   48  C  "C2'" . DA  A 1 3 ? 0.489   -5.663  -0.571  1.00 10.59 ? 3  DA  A "C2'" 1 
ATOM   49  C  "C1'" . DA  A 1 3 ? 1.992   -5.311  -0.400  1.00 9.76  ? 3  DA  A "C1'" 1 
ATOM   50  N  N9    . DA  A 1 3 ? 2.406   -4.162  -1.208  1.00 7.10  ? 3  DA  A N9    1 
ATOM   51  C  C8    . DA  A 1 3 ? 2.394   -4.055  -2.574  1.00 6.70  ? 3  DA  A C8    1 
ATOM   52  N  N7    . DA  A 1 3 ? 2.726   -2.857  -3.026  1.00 7.40  ? 3  DA  A N7    1 
ATOM   53  C  C5    . DA  A 1 3 ? 3.021   -2.139  -1.870  1.00 5.87  ? 3  DA  A C5    1 
ATOM   54  C  C6    . DA  A 1 3 ? 3.495   -0.807  -1.645  1.00 4.21  ? 3  DA  A C6    1 
ATOM   55  N  N6    . DA  A 1 3 ? 3.764   0.046   -2.616  1.00 6.09  ? 3  DA  A N6    1 
ATOM   56  N  N1    . DA  A 1 3 ? 3.663   -0.415  -0.370  1.00 4.63  ? 3  DA  A N1    1 
ATOM   57  C  C2    . DA  A 1 3 ? 3.418   -1.277  0.615   1.00 5.81  ? 3  DA  A C2    1 
ATOM   58  N  N3    . DA  A 1 3 ? 3.025   -2.549  0.545   1.00 6.55  ? 3  DA  A N3    1 
ATOM   59  C  C4    . DA  A 1 3 ? 2.834   -2.926  -0.737  1.00 6.93  ? 3  DA  A C4    1 
ATOM   60  P  P     . DT  A 1 4 ? -1.126  -7.193  1.734   1.00 11.96 ? 4  DT  A P     1 
ATOM   61  O  OP1   . DT  A 1 4 ? -1.044  -8.187  2.876   1.00 12.38 ? 4  DT  A OP1   1 
ATOM   62  O  OP2   . DT  A 1 4 ? -2.215  -7.203  0.869   1.00 12.81 ? 4  DT  A OP2   1 
ATOM   63  O  "O5'" . DT  A 1 4 ? -1.044  -5.712  2.332   1.00 9.41  ? 4  DT  A "O5'" 1 
ATOM   64  C  "C5'" . DT  A 1 4 ? -0.176  -5.501  3.394   1.00 7.64  ? 4  DT  A "C5'" 1 
ATOM   65  C  "C4'" . DT  A 1 4 ? -0.396  -4.129  3.943   1.00 8.07  ? 4  DT  A "C4'" 1 
ATOM   66  O  "O4'" . DT  A 1 4 ? 0.130   -3.192  2.994   1.00 8.35  ? 4  DT  A "O4'" 1 
ATOM   67  C  "C3'" . DT  A 1 4 ? -1.851  -3.738  4.222   1.00 9.32  ? 4  DT  A "C3'" 1 
ATOM   68  O  "O3'" . DT  A 1 4 ? -1.830  -3.186  5.528   1.00 11.05 ? 4  DT  A "O3'" 1 
ATOM   69  C  "C2'" . DT  A 1 4 ? -2.154  -2.667  3.175   1.00 8.89  ? 4  DT  A "C2'" 1 
ATOM   70  C  "C1'" . DT  A 1 4 ? -0.768  -2.113  2.861   1.00 8.28  ? 4  DT  A "C1'" 1 
ATOM   71  N  N1    . DT  A 1 4 ? -0.567  -1.575  1.492   1.00 8.38  ? 4  DT  A N1    1 
ATOM   72  C  C2    . DT  A 1 4 ? 0.071   -0.333  1.370   1.00 7.71  ? 4  DT  A C2    1 
ATOM   73  O  O2    . DT  A 1 4 ? 0.443   0.312   2.315   1.00 8.88  ? 4  DT  A O2    1 
ATOM   74  N  N3    . DT  A 1 4 ? 0.274   0.083   0.078   1.00 5.96  ? 4  DT  A N3    1 
ATOM   75  C  C4    . DT  A 1 4 ? -0.049  -0.597  -1.102  1.00 5.72  ? 4  DT  A C4    1 
ATOM   76  O  O4    . DT  A 1 4 ? 0.248   -0.120  -2.192  1.00 7.51  ? 4  DT  A O4    1 
ATOM   77  C  C5    . DT  A 1 4 ? -0.738  -1.890  -0.905  1.00 6.87  ? 4  DT  A C5    1 
ATOM   78  C  C7    . DT  A 1 4 ? -1.184  -2.677  -2.087  1.00 9.02  ? 4  DT  A C7    1 
ATOM   79  C  C6    . DT  A 1 4 ? -0.950  -2.295  0.364   1.00 7.90  ? 4  DT  A C6    1 
ATOM   80  P  P     . DC  A 1 5 ? -3.187  -2.948  6.349   1.00 14.58 ? 5  DC  A P     1 
ATOM   81  O  OP1   . DC  A 1 5 ? -2.825  -2.907  7.820   1.00 16.05 ? 5  DC  A OP1   1 
ATOM   82  O  OP2   . DC  A 1 5 ? -4.234  -3.740  5.861   1.00 11.67 ? 5  DC  A OP2   1 
ATOM   83  O  "O5'" . DC  A 1 5 ? -3.642  -1.462  5.939   1.00 13.15 ? 5  DC  A "O5'" 1 
ATOM   84  C  "C5'" . DC  A 1 5 ? -2.889  -0.358  6.327   1.00 11.99 ? 5  DC  A "C5'" 1 
ATOM   85  C  "C4'" . DC  A 1 5 ? -3.325  0.840   5.525   1.00 12.18 ? 5  DC  A "C4'" 1 
ATOM   86  O  "O4'" . DC  A 1 5 ? -2.861  0.718   4.150   1.00 10.64 ? 5  DC  A "O4'" 1 
ATOM   87  C  "C3'" . DC  A 1 5 ? -4.848  0.973   5.461   1.00 12.47 ? 5  DC  A "C3'" 1 
ATOM   88  O  "O3'" . DC  A 1 5 ? -5.186  2.343   5.651   1.00 11.61 ? 5  DC  A "O3'" 1 
ATOM   89  C  "C2'" . DC  A 1 5 ? -5.197  0.524   4.053   1.00 12.09 ? 5  DC  A "C2'" 1 
ATOM   90  C  "C1'" . DC  A 1 5 ? -3.961  1.040   3.347   1.00 10.45 ? 5  DC  A "C1'" 1 
ATOM   91  N  N1    . DC  A 1 5 ? -3.699  0.623   1.966   1.00 8.01  ? 5  DC  A N1    1 
ATOM   92  C  C2    . DC  A 1 5 ? -2.849  1.456   1.187   1.00 8.55  ? 5  DC  A C2    1 
ATOM   93  O  O2    . DC  A 1 5 ? -2.217  2.349   1.764   1.00 8.35  ? 5  DC  A O2    1 
ATOM   94  N  N3    . DC  A 1 5 ? -2.754  1.222   -0.142  1.00 8.09  ? 5  DC  A N3    1 
ATOM   95  C  C4    . DC  A 1 5 ? -3.434  0.195   -0.688  1.00 8.46  ? 5  DC  A C4    1 
ATOM   96  N  N4    . DC  A 1 5 ? -3.409  0.075   -2.026  1.00 9.11  ? 5  DC  A N4    1 
ATOM   97  C  C5    . DC  A 1 5 ? -4.196  -0.735  0.108   1.00 8.07  ? 5  DC  A C5    1 
ATOM   98  C  C6    . DC  A 1 5 ? -4.291  -0.481  1.421   1.00 9.23  ? 5  DC  A C6    1 
ATOM   99  P  P     . DG  A 1 6 ? -5.964  2.802   6.982   1.00 14.36 ? 6  DG  A P     1 
ATOM   100 O  OP1   . DG  A 1 6 ? -5.143  2.374   8.103   1.00 15.62 ? 6  DG  A OP1   1 
ATOM   101 O  OP2   . DG  A 1 6 ? -7.221  2.304   6.795   1.00 11.73 ? 6  DG  A OP2   1 
ATOM   102 O  "O5'" . DG  A 1 6 ? -5.951  4.378   6.847   1.00 11.58 ? 6  DG  A "O5'" 1 
ATOM   103 C  "C5'" . DG  A 1 6 ? -4.757  5.097   7.021   1.00 10.72 ? 6  DG  A "C5'" 1 
ATOM   104 C  "C4'" . DG  A 1 6 ? -5.011  6.577   6.855   1.00 9.67  ? 6  DG  A "C4'" 1 
ATOM   105 O  "O4'" . DG  A 1 6 ? -5.421  6.841   5.495   1.00 8.83  ? 6  DG  A "O4'" 1 
ATOM   106 C  "C3'" . DG  A 1 6 ? -6.141  7.093   7.728   1.00 7.30  ? 6  DG  A "C3'" 1 
ATOM   107 O  "O3'" . DG  A 1 6 ? -5.859  8.434   8.046   1.00 8.82  ? 6  DG  A "O3'" 1 
ATOM   108 C  "C2'" . DG  A 1 6 ? -7.368  6.939   6.849   1.00 7.40  ? 6  DG  A "C2'" 1 
ATOM   109 C  "C1'" . DG  A 1 6 ? -6.794  7.187   5.446   1.00 7.30  ? 6  DG  A "C1'" 1 
ATOM   110 N  N9    . DG  A 1 6 ? -7.380  6.415   4.356   1.00 6.56  ? 6  DG  A N9    1 
ATOM   111 C  C8    . DG  A 1 6 ? -8.021  5.217   4.422   1.00 7.55  ? 6  DG  A C8    1 
ATOM   112 N  N7    . DG  A 1 6 ? -8.340  4.739   3.254   1.00 8.04  ? 6  DG  A N7    1 
ATOM   113 C  C5    . DG  A 1 6 ? -7.914  5.695   2.345   1.00 7.61  ? 6  DG  A C5    1 
ATOM   114 C  C6    . DG  A 1 6 ? -7.969  5.718   0.920   1.00 7.28  ? 6  DG  A C6    1 
ATOM   115 O  O6    . DG  A 1 6 ? -8.407  4.865   0.162   1.00 7.46  ? 6  DG  A O6    1 
ATOM   116 N  N1    . DG  A 1 6 ? -7.399  6.881   0.425   1.00 7.22  ? 6  DG  A N1    1 
ATOM   117 C  C2    . DG  A 1 6 ? -6.835  7.876   1.166   1.00 6.09  ? 6  DG  A C2    1 
ATOM   118 N  N2    . DG  A 1 6 ? -6.296  8.900   0.496   1.00 5.62  ? 6  DG  A N2    1 
ATOM   119 N  N3    . DG  A 1 6 ? -6.781  7.871   2.479   1.00 6.09  ? 6  DG  A N3    1 
ATOM   120 C  C4    . DG  A 1 6 ? -7.337  6.759   2.998   1.00 6.13  ? 6  DG  A C4    1 
HETATM 121 C  C1    . DM2 B 2 . ? -6.449  1.745   -3.184  1.00 10.71 ? 7  DM2 A C1    1 
HETATM 122 C  C2    . DM2 B 2 . ? -7.095  0.534   -2.958  1.00 9.72  ? 7  DM2 A C2    1 
HETATM 123 C  C3    . DM2 B 2 . ? -7.420  0.009   -1.674  1.00 11.21 ? 7  DM2 A C3    1 
HETATM 124 C  C4    . DM2 B 2 . ? -7.040  0.810   -0.503  1.00 8.17  ? 7  DM2 A C4    1 
HETATM 125 O  O4    . DM2 B 2 . ? -7.254  0.455   0.744   1.00 9.33  ? 7  DM2 A O4    1 
HETATM 126 C  C5    . DM2 B 2 . ? -6.363  2.067   -0.811  1.00 7.42  ? 7  DM2 A C5    1 
HETATM 127 C  C6    . DM2 B 2 . ? -5.944  2.914   0.391   1.00 6.04  ? 7  DM2 A C6    1 
HETATM 128 O  O6    . DM2 B 2 . ? -6.143  2.667   1.585   1.00 7.28  ? 7  DM2 A O6    1 
HETATM 129 C  C7    . DM2 B 2 . ? -5.195  4.187   0.097   1.00 5.66  ? 7  DM2 A C7    1 
HETATM 130 C  C8    . DM2 B 2 . ? -4.701  5.012   1.201   1.00 6.53  ? 7  DM2 A C8    1 
HETATM 131 O  O8    . DM2 B 2 . ? -4.851  4.704   2.455   1.00 7.27  ? 7  DM2 A O8    1 
HETATM 132 C  C9    . DM2 B 2 . ? -4.010  6.205   0.849   1.00 6.54  ? 7  DM2 A C9    1 
HETATM 133 C  C10   . DM2 B 2 . ? -3.436  7.016   2.064   1.00 7.18  ? 7  DM2 A C10   1 
HETATM 134 O  O10   . DM2 B 2 . ? -2.412  6.028   2.529   1.00 8.11  ? 7  DM2 A O10   1 
HETATM 135 C  C11   . DM2 B 2 . ? -2.856  8.387   1.724   1.00 6.84  ? 7  DM2 A C11   1 
HETATM 136 C  C12   . DM2 B 2 . ? -2.169  8.417   0.383   1.00 6.91  ? 7  DM2 A C12   1 
HETATM 137 O  O12   . DM2 B 2 . ? -1.019  7.539   0.369   1.00 7.13  ? 7  DM2 A O12   1 
HETATM 138 C  C13   . DM2 B 2 . ? -1.631  9.806   0.148   1.00 9.21  ? 7  DM2 A C13   1 
HETATM 139 O  O13   . DM2 B 2 . ? -2.395  10.627  -0.433  1.00 10.11 ? 7  DM2 A O13   1 
HETATM 140 C  C14   . DM2 B 2 . ? -0.256  10.208  0.615   1.00 9.01  ? 7  DM2 A C14   1 
HETATM 141 O  O14   . DM2 B 2 . ? 0.041   11.553  0.340   1.00 11.84 ? 7  DM2 A O14   1 
HETATM 142 C  C15   . DM2 B 2 . ? -3.105  7.960   -0.804  1.00 5.81  ? 7  DM2 A C15   1 
HETATM 143 C  C16   . DM2 B 2 . ? -3.781  6.694   -0.454  1.00 5.65  ? 7  DM2 A C16   1 
HETATM 144 C  C17   . DM2 B 2 . ? -4.270  5.848   -1.493  1.00 5.99  ? 7  DM2 A C17   1 
HETATM 145 O  O17   . DM2 B 2 . ? -4.078  6.242   -2.792  1.00 7.37  ? 7  DM2 A O17   1 
HETATM 146 C  C18   . DM2 B 2 . ? -4.932  4.639   -1.301  1.00 5.79  ? 7  DM2 A C18   1 
HETATM 147 C  C19   . DM2 B 2 . ? -5.377  3.793   -2.406  1.00 5.90  ? 7  DM2 A C19   1 
HETATM 148 O  O19   . DM2 B 2 . ? -5.143  4.161   -3.546  1.00 8.71  ? 7  DM2 A O19   1 
HETATM 149 C  C20   . DM2 B 2 . ? -6.064  2.536   -2.059  1.00 7.90  ? 7  DM2 A C20   1 
HETATM 150 C  C21   . DM2 B 2 . ? -7.939  -0.872  1.049   1.00 11.70 ? 7  DM2 A C21   1 
HETATM 151 C  "C1'" . DM2 B 2 . ? -2.328  5.831   3.950   1.00 8.26  ? 7  DM2 A "C1'" 1 
HETATM 152 C  "C2'" . DM2 B 2 . ? -2.018  4.397   4.253   1.00 8.27  ? 7  DM2 A "C2'" 1 
HETATM 153 C  "C3'" . DM2 B 2 . ? -0.574  4.069   3.766   1.00 9.49  ? 7  DM2 A "C3'" 1 
HETATM 154 N  "N3'" . DM2 B 2 . ? -0.303  2.615   4.162   1.00 9.63  ? 7  DM2 A "N3'" 1 
HETATM 155 C  "C4'" . DM2 B 2 . ? 0.466   5.048   4.362   1.00 10.16 ? 7  DM2 A "C4'" 1 
HETATM 156 O  "O4'" . DM2 B 2 . ? 0.507   4.819   5.830   1.00 12.12 ? 7  DM2 A "O4'" 1 
HETATM 157 C  "C5'" . DM2 B 2 . ? 0.101   6.478   3.938   1.00 9.93  ? 7  DM2 A "C5'" 1 
HETATM 158 O  "O5'" . DM2 B 2 . ? -1.291  6.795   4.427   1.00 10.18 ? 7  DM2 A "O5'" 1 
HETATM 159 C  "C6'" . DM2 B 2 . ? 1.002   7.609   4.528   1.00 11.89 ? 7  DM2 A "C6'" 1 
HETATM 160 TL TL    . TL  C 3 . ? -9.248  2.606   1.770   0.50 14.59 ? 8  TL  A TL    1 
HETATM 161 TL TL    . TL  D 3 . ? 8.453   0.120   -6.356  0.20 26.30 ? 9  TL  A TL    1 
HETATM 162 TL TL    . TL  E 3 . ? -8.776  2.071   2.972   0.20 16.21 ? 10 TL  A TL    1 
HETATM 163 O  O     . HOH F 4 . ? -5.198  9.837   3.811   1.00 14.25 ? 11 HOH A O     1 
HETATM 164 O  O     . HOH F 4 . ? -5.402  11.511  1.583   1.00 11.18 ? 12 HOH A O     1 
HETATM 165 O  O     . HOH F 4 . ? -4.679  11.252  -2.056  1.00 8.50  ? 13 HOH A O     1 
HETATM 166 O  O     . HOH F 4 . ? 8.235   -7.097  -11.545 1.00 15.34 ? 14 HOH A O     1 
HETATM 167 O  O     . HOH F 4 . ? -5.752  11.164  6.368   1.00 19.86 ? 15 HOH A O     1 
HETATM 168 O  O     . HOH F 4 . ? -0.213  -0.533  -4.876  1.00 15.20 ? 16 HOH A O     1 
HETATM 169 O  O     . HOH F 4 . ? 6.019   -4.835  -8.679  1.00 17.32 ? 17 HOH A O     1 
HETATM 170 O  O     . HOH F 4 . ? -2.227  -8.230  5.403   1.00 21.88 ? 18 HOH A O     1 
HETATM 171 O  O     . HOH F 4 . ? -2.385  9.309   5.319   1.00 21.97 ? 19 HOH A O     1 
HETATM 172 O  O     . HOH F 4 . ? 8.008   -3.129  -9.642  1.00 16.50 ? 20 HOH A O     1 
HETATM 173 O  O     . HOH F 4 . ? 2.667   -1.978  -5.560  1.00 17.39 ? 21 HOH A O     1 
HETATM 174 O  O     . HOH F 4 . ? 9.547   -10.488 -5.547  1.00 26.34 ? 22 HOH A O     1 
HETATM 175 O  O     . HOH F 4 . ? -2.748  -5.256  -0.153  1.00 22.68 ? 23 HOH A O     1 
HETATM 176 O  O     . HOH F 4 . ? 3.116   6.350   6.699   1.00 29.19 ? 24 HOH A O     1 
HETATM 177 O  O     . HOH F 4 . ? 5.362   -11.087 -7.722  1.00 31.86 ? 25 HOH A O     1 
HETATM 178 O  O     . HOH F 4 . ? 7.602   -4.378  -12.141 1.00 14.79 ? 26 HOH A O     1 
HETATM 179 O  O     . HOH F 4 . ? -0.835  11.326  4.305   1.00 18.99 ? 27 HOH A O     1 
HETATM 180 O  O     . HOH F 4 . ? -5.758  -2.760  3.639   1.00 20.55 ? 28 HOH A O     1 
HETATM 181 O  O     . HOH F 4 . ? -0.727  1.594   -6.096  1.00 24.37 ? 29 HOH A O     1 
HETATM 182 O  O     . HOH F 4 . ? 7.376   -8.688  -13.539 1.00 21.34 ? 30 HOH A O     1 
HETATM 183 O  O     . HOH F 4 . ? -4.721  -2.069  -3.310  1.00 25.14 ? 31 HOH A O     1 
HETATM 184 O  O     . HOH F 4 . ? -1.382  5.955   7.356   1.00 20.37 ? 32 HOH A O     1 
HETATM 185 O  O     . HOH F 4 . ? -2.708  -0.874  10.205  1.00 22.64 ? 33 HOH A O     1 
HETATM 186 O  O     . HOH F 4 . ? 15.021  0.001   -4.012  1.00 24.66 ? 34 HOH A O     1 
HETATM 187 O  O     . HOH F 4 . ? -4.303  -6.498  5.530   1.00 26.17 ? 35 HOH A O     1 
HETATM 188 O  O     . HOH F 4 . ? 3.568   0.552   -5.738  1.00 22.80 ? 36 HOH A O     1 
HETATM 189 O  O     . HOH F 4 . ? -5.569  -4.307  1.543   1.00 26.21 ? 37 HOH A O     1 
HETATM 190 O  O     . HOH F 4 . ? -0.196  -5.322  -4.223  1.00 31.33 ? 38 HOH A O     1 
HETATM 191 O  O     . HOH F 4 . ? 0.957   13.036  -2.051  1.00 27.72 ? 39 HOH A O     1 
HETATM 192 O  O     . HOH F 4 . ? -0.506  1.813   6.853   1.00 20.19 ? 40 HOH A O     1 
HETATM 193 O  O     . HOH F 4 . ? 12.057  -1.820  -8.548  1.00 24.14 ? 41 HOH A O     1 
HETATM 194 O  O     . HOH F 4 . ? -1.695  -10.482 6.707   1.00 37.06 ? 42 HOH A O     1 
HETATM 195 O  O     . HOH F 4 . ? -0.505  -3.235  -5.816  1.00 41.88 ? 43 HOH A O     1 
HETATM 196 O  O     . HOH F 4 . ? -4.653  0.598   9.980   1.00 36.57 ? 44 HOH A O     1 
HETATM 197 O  O     . HOH F 4 . ? -3.625  9.264   9.547   1.00 27.80 ? 45 HOH A O     1 
HETATM 198 O  O     . HOH F 4 . ? 2.909   -10.078 -7.428  1.00 30.36 ? 46 HOH A O     1 
HETATM 199 O  O     . HOH F 4 . ? 3.997   -8.453  -9.776  1.00 43.57 ? 47 HOH A O     1 
HETATM 200 O  O     . HOH F 4 . ? -1.006  -6.733  7.258   1.00 34.13 ? 48 HOH A O     1 
HETATM 201 O  O     . HOH F 4 . ? -9.566  4.187   7.582   1.00 28.32 ? 49 HOH A O     1 
HETATM 202 O  O     . HOH F 4 . ? -1.559  8.386   7.824   1.00 35.49 ? 50 HOH A O     1 
HETATM 203 O  O     . HOH F 4 . ? -1.982  2.922   8.890   1.00 27.81 ? 51 HOH A O     1 
HETATM 204 O  O     . HOH F 4 . ? -8.887  5.043   10.065  1.00 28.47 ? 52 HOH A O     1 
HETATM 205 O  O     . HOH F 4 . ? -3.503  13.387  0.729   1.00 29.78 ? 53 HOH A O     1 
HETATM 206 O  O     . HOH F 4 . ? 1.981   -6.521  -7.851  1.00 36.68 ? 54 HOH A O     1 
HETATM 207 O  O     . HOH F 4 . ? 7.181   -0.573  -8.254  1.00 37.21 ? 55 HOH A O     1 
HETATM 208 O  O     . HOH F 4 . ? -1.653  5.142   9.521   1.00 30.19 ? 56 HOH A O     1 
HETATM 209 O  O     . HOH F 4 . ? 13.210  2.204   -5.656  1.00 40.53 ? 57 HOH A O     1 
HETATM 210 O  O     . HOH F 4 . ? 3.191   -2.247  -7.885  1.00 38.30 ? 58 HOH A O     1 
HETATM 211 O  O     . HOH F 4 . ? -8.384  1.272   5.084   1.00 32.29 ? 59 HOH A O     1 
HETATM 212 O  O     . HOH F 4 . ? 2.949   4.120   6.972   1.00 34.63 ? 60 HOH A O     1 
HETATM 213 O  O     . HOH F 4 . ? -10.234 -2.740  2.674   1.00 27.13 ? 61 HOH A O     1 
HETATM 214 O  O     . HOH F 4 . ? -1.916  13.585  -1.546  1.00 34.76 ? 62 HOH A O     1 
HETATM 215 O  O     . HOH F 4 . ? -1.003  0.624   9.957   1.00 30.12 ? 63 HOH A O     1 
HETATM 216 O  O     . HOH F 4 . ? -7.908  -1.976  4.625   1.00 33.67 ? 64 HOH A O     1 
HETATM 217 O  O     . HOH F 4 . ? 3.282   -4.586  -9.088  1.00 37.91 ? 65 HOH A O     1 
HETATM 218 O  O     . HOH F 4 . ? -4.765  -7.390  7.973   1.00 41.10 ? 66 HOH A O     1 
HETATM 219 O  O     . HOH F 4 . ? 2.548   2.189   4.395   1.00 19.35 ? 67 HOH A O     1 
HETATM 220 O  O     . HOH F 4 . ? 9.947   -0.946  -6.558  1.00 26.84 ? 68 HOH A O     1 
# 
